data_1YL9
#
_entry.id   1YL9
#
_cell.length_a   1.000
_cell.length_b   1.000
_cell.length_c   1.000
_cell.angle_alpha   90.00
_cell.angle_beta   90.00
_cell.angle_gamma   90.00
#
_symmetry.space_group_name_H-M   'P 1'
#
loop_
_entity.id
_entity.type
_entity.pdbx_description
1 polymer [Tyr3]Octreotate
2 non-polymer 3-[(2-AMINOETHYL)AMINO]-2-{[(2-AMINOETHYL)AMINO]METHYL}PROPANAL
#
_entity_poly.entity_id   1
_entity_poly.type   'polypeptide(L)'
_entity_poly.pdbx_seq_one_letter_code
;(DPN)CY(DTR)KTCT
;
_entity_poly.pdbx_strand_id   A
#
loop_
_chem_comp.id
_chem_comp.type
_chem_comp.name
_chem_comp.formula
CH4 non-polymer 3-[(2-AMINOETHYL)AMINO]-2-{[(2-AMINOETHYL)AMINO]METHYL}PROPANAL 'C8 H20 N4 O'
#
# COMPACT_ATOMS: atom_id res chain seq x y z
N DPN A 1 -0.83 -3.22 3.91
CA DPN A 1 -1.77 -2.23 3.43
C DPN A 1 -1.35 -1.72 2.06
O DPN A 1 -0.21 -1.29 1.92
CB DPN A 1 -3.23 -2.72 3.50
CG DPN A 1 -3.57 -3.49 4.77
CD1 DPN A 1 -3.58 -2.84 6.02
CD2 DPN A 1 -3.83 -4.86 4.69
CE1 DPN A 1 -3.86 -3.58 7.19
CE2 DPN A 1 -4.12 -5.60 5.85
CZ DPN A 1 -4.13 -4.95 7.10
H DPN A 1 -0.17 -2.93 4.61
HA DPN A 1 -1.71 -1.35 4.08
HB2 DPN A 1 -3.89 -1.86 3.43
HB3 DPN A 1 -3.42 -3.37 2.65
HD1 DPN A 1 -3.36 -1.79 6.08
HD2 DPN A 1 -3.80 -5.37 3.73
HE1 DPN A 1 -3.85 -3.09 8.15
HE2 DPN A 1 -4.31 -6.66 5.79
HZ DPN A 1 -4.33 -5.53 8.00
N CYS A 2 -2.23 -1.69 1.06
CA CYS A 2 -1.88 -1.26 -0.27
C CYS A 2 -2.42 0.15 -0.54
N TYR A 3 -2.33 1.04 0.46
CA TYR A 3 -3.04 2.29 0.44
C TYR A 3 -2.13 3.32 -0.21
N DTR A 4 -2.17 3.30 -1.54
CA DTR A 4 -1.36 4.13 -2.43
CB DTR A 4 -2.28 4.87 -3.41
CG DTR A 4 -3.30 4.04 -4.16
CD1 DTR A 4 -4.34 3.38 -3.62
NE1 DTR A 4 -5.09 2.79 -4.60
CE2 DTR A 4 -4.60 3.06 -5.84
CZ2 DTR A 4 -5.04 2.74 -7.15
CH2 DTR A 4 -4.29 3.20 -8.25
CZ3 DTR A 4 -3.12 3.95 -8.03
CE3 DTR A 4 -2.71 4.27 -6.73
CD2 DTR A 4 -3.44 3.84 -5.60
C DTR A 4 -0.31 3.28 -3.13
O DTR A 4 0.77 3.77 -3.43
H DTR A 4 -2.79 2.63 -1.95
HA DTR A 4 -0.83 4.87 -1.83
HB2 DTR A 4 -2.83 5.63 -2.85
HB3 DTR A 4 -1.66 5.40 -4.14
HD1 DTR A 4 -4.58 3.35 -2.55
HE1 DTR A 4 -5.94 2.26 -4.40
HZ2 DTR A 4 -5.94 2.17 -7.29
HH2 DTR A 4 -4.63 2.98 -9.25
HZ3 DTR A 4 -2.54 4.28 -8.88
HE3 DTR A 4 -1.82 4.87 -6.59
N LYS A 5 -0.60 1.99 -3.34
CA LYS A 5 0.35 0.98 -3.80
C LYS A 5 1.55 0.84 -2.86
N THR A 6 1.42 1.31 -1.62
CA THR A 6 2.46 1.21 -0.60
C THR A 6 2.73 -0.25 -0.23
N CYS A 7 1.70 -1.09 -0.33
CA CYS A 7 1.66 -2.53 -0.06
C CYS A 7 2.73 -2.94 0.93
N THR A 8 2.50 -2.56 2.19
CA THR A 8 3.50 -2.59 3.25
C THR A 8 3.76 -3.99 3.80
CA CH4 B . 0.11 -5.45 4.26
CB1 CH4 B . -0.51 -5.94 5.58
NG1 CH4 B . -0.84 -4.88 6.56
CD1 CH4 B . 0.30 -3.97 6.74
CE1 CH4 B . 1.39 -4.58 7.62
NZ1 CH4 B . 0.97 -4.56 9.03
CB2 CH4 B . 0.39 -6.74 3.50
NG2 CH4 B . 1.43 -6.59 2.46
CD2 CH4 B . 0.87 -6.55 1.10
CE2 CH4 B . 1.07 -7.89 0.41
NZ2 CH4 B . 0.89 -8.98 1.39
C CH4 B . -0.79 -4.49 3.49
O CH4 B . -1.48 -4.89 2.55
HA CH4 B . 1.06 -4.95 4.48
HB12 CH4 B . -1.43 -6.49 5.34
HB13 CH4 B . 0.18 -6.64 6.05
HG1 CH4 B . -1.65 -4.37 6.25
HD12 CH4 B . -0.03 -3.03 7.17
HD13 CH4 B . 0.74 -3.77 5.76
HE12 CH4 B . 1.59 -5.60 7.29
HE13 CH4 B . 2.30 -3.99 7.51
HZ11 CH4 B . 0.13 -5.12 9.11
HZ12 CH4 B . 1.70 -4.94 9.60
HB22 CH4 B . 0.75 -7.49 4.22
HB23 CH4 B . -0.53 -7.09 3.05
HG2 CH4 B . 2.08 -5.82 2.65
HD22 CH4 B . -0.20 -6.31 1.17
HD23 CH4 B . 1.37 -5.76 0.52
HE22 CH4 B . 2.09 -7.93 0.02
HE23 CH4 B . 0.36 -8.00 -0.42
HZ21 CH4 B . 1.57 -8.82 2.12
HZ22 CH4 B . -0.02 -8.85 1.82
N DPN A 1 -0.85 -3.32 3.81
CA DPN A 1 -1.85 -2.35 3.36
C DPN A 1 -1.42 -1.78 2.02
O DPN A 1 -0.28 -1.35 1.89
CB DPN A 1 -3.27 -2.93 3.39
CG DPN A 1 -3.60 -3.78 4.60
CD1 DPN A 1 -3.61 -3.22 5.89
CD2 DPN A 1 -3.83 -5.16 4.44
CE1 DPN A 1 -3.83 -4.04 7.01
CE2 DPN A 1 -4.05 -5.98 5.55
CZ DPN A 1 -4.05 -5.42 6.85
H DPN A 1 -0.11 -3.00 4.42
HA DPN A 1 -1.82 -1.51 4.04
HB2 DPN A 1 -3.98 -2.09 3.36
HB3 DPN A 1 -3.44 -3.52 2.49
HD1 DPN A 1 -3.41 -2.17 6.02
HD2 DPN A 1 -3.80 -5.60 3.45
HE1 DPN A 1 -3.81 -3.61 8.01
HE2 DPN A 1 -4.20 -7.04 5.42
HZ DPN A 1 -4.20 -6.05 7.71
N CYS A 2 -2.30 -1.68 1.04
CA CYS A 2 -1.94 -1.21 -0.30
C CYS A 2 -2.49 0.19 -0.55
N TYR A 3 -2.39 1.06 0.46
CA TYR A 3 -3.03 2.36 0.44
C TYR A 3 -2.07 3.34 -0.22
N DTR A 4 -2.16 3.39 -1.55
CA DTR A 4 -1.30 4.19 -2.41
CB DTR A 4 -2.15 4.97 -3.42
CG DTR A 4 -3.20 4.22 -4.18
CD1 DTR A 4 -4.30 3.63 -3.64
NE1 DTR A 4 -5.09 3.09 -4.63
CE2 DTR A 4 -4.56 3.34 -5.88
CZ2 DTR A 4 -5.01 3.04 -7.18
CH2 DTR A 4 -4.24 3.44 -8.27
CZ3 DTR A 4 -3.02 4.11 -8.06
CE3 DTR A 4 -2.59 4.41 -6.75
CD2 DTR A 4 -3.35 4.03 -5.63
C DTR A 4 -0.27 3.31 -3.09
O DTR A 4 0.83 3.76 -3.37
H DTR A 4 -2.82 2.75 -1.97
HA DTR A 4 -0.74 4.90 -1.79
HB2 DTR A 4 -2.65 5.78 -2.88
HB3 DTR A 4 -1.48 5.45 -4.14
HD1 DTR A 4 -4.53 3.61 -2.59
HE1 DTR A 4 -5.97 2.64 -4.44
HZ2 DTR A 4 -5.96 2.53 -7.33
HH2 DTR A 4 -4.57 3.24 -9.29
HZ3 DTR A 4 -2.41 4.40 -8.90
HE3 DTR A 4 -1.67 4.95 -6.61
N LYS A 5 -0.60 2.03 -3.30
CA LYS A 5 0.30 0.99 -3.78
C LYS A 5 1.50 0.80 -2.85
N THR A 6 1.41 1.26 -1.60
CA THR A 6 2.47 1.10 -0.62
C THR A 6 2.74 -0.39 -0.38
N CYS A 7 1.68 -1.18 -0.23
CA CYS A 7 1.67 -2.61 0.02
C CYS A 7 2.75 -2.98 1.04
N THR A 8 2.51 -2.51 2.25
CA THR A 8 3.51 -2.43 3.30
C THR A 8 4.05 -3.79 3.75
CA CH4 B . 0.24 -5.47 4.13
CB1 CH4 B . -0.19 -5.89 5.54
NG1 CH4 B . -0.70 -4.82 6.41
CD1 CH4 B . 0.37 -4.02 7.04
CE1 CH4 B . 1.02 -4.80 8.20
NZ1 CH4 B . -0.02 -5.47 8.99
CB2 CH4 B . 0.50 -6.83 3.47
NG2 CH4 B . 0.50 -6.85 1.99
CD2 CH4 B . 1.40 -5.87 1.39
CE2 CH4 B . 2.70 -6.54 0.95
NZ2 CH4 B . 3.37 -7.14 2.10
C CH4 B . -0.79 -4.59 3.41
O CH4 B . -1.55 -5.04 2.55
HA CH4 B . 1.18 -4.89 4.17
HB12 CH4 B . -0.98 -6.63 5.44
HB13 CH4 B . 0.67 -6.37 6.04
HG1 CH4 B . -1.36 -4.24 5.91
HD12 CH4 B . -0.04 -3.10 7.43
HD13 CH4 B . 1.13 -3.82 6.30
HE12 CH4 B . 1.58 -4.10 8.83
HE13 CH4 B . 1.70 -5.53 7.78
HZ11 CH4 B . -0.63 -5.94 8.34
HZ12 CH4 B . 0.42 -6.15 9.60
HB22 CH4 B . 1.45 -7.22 3.84
HB23 CH4 B . -0.30 -7.51 3.80
HG2 CH4 B . 0.72 -7.78 1.66
HD22 CH4 B . 0.91 -5.42 0.53
HD23 CH4 B . 1.63 -5.09 2.13
HE22 CH4 B . 3.35 -5.78 0.52
HE23 CH4 B . 2.49 -7.30 0.18
HZ21 CH4 B . 4.36 -7.19 1.93
HZ22 CH4 B . 3.26 -6.49 2.88
N DPN A 1 -0.73 -3.11 4.01
CA DPN A 1 -1.77 -2.25 3.46
C DPN A 1 -1.35 -1.75 2.08
O DPN A 1 -0.22 -1.30 1.93
CB DPN A 1 -3.16 -2.92 3.49
CG DPN A 1 -3.44 -3.78 4.72
CD1 DPN A 1 -3.55 -3.19 6.00
CD2 DPN A 1 -3.54 -5.17 4.58
CE1 DPN A 1 -3.76 -4.00 7.12
CE2 DPN A 1 -3.75 -5.98 5.71
CZ DPN A 1 -3.85 -5.40 6.99
H DPN A 1 -0.08 -2.74 4.68
HA DPN A 1 -1.83 -1.36 4.07
HB2 DPN A 1 -3.92 -2.14 3.44
HB3 DPN A 1 -3.28 -3.55 2.61
HD1 DPN A 1 -3.47 -2.12 6.10
HD2 DPN A 1 -3.43 -5.63 3.61
HE1 DPN A 1 -3.85 -3.56 8.10
HE2 DPN A 1 -3.80 -7.06 5.60
HZ DPN A 1 -4.00 -6.03 7.84
N CYS A 2 -2.23 -1.73 1.08
CA CYS A 2 -1.89 -1.28 -0.25
C CYS A 2 -2.48 0.12 -0.52
N TYR A 3 -2.34 1.01 0.45
CA TYR A 3 -3.03 2.29 0.42
C TYR A 3 -2.12 3.30 -0.27
N DTR A 4 -2.22 3.31 -1.59
CA DTR A 4 -1.41 4.13 -2.47
CB DTR A 4 -2.29 4.84 -3.51
CG DTR A 4 -3.31 4.00 -4.24
CD1 DTR A 4 -4.37 3.38 -3.68
NE1 DTR A 4 -5.14 2.78 -4.65
CE2 DTR A 4 -4.64 3.02 -5.91
CZ2 DTR A 4 -5.08 2.68 -7.20
CH2 DTR A 4 -4.32 3.07 -8.31
CZ3 DTR A 4 -3.13 3.79 -8.12
CE3 DTR A 4 -2.71 4.15 -6.82
CD2 DTR A 4 -3.45 3.78 -5.68
C DTR A 4 -0.32 3.28 -3.12
O DTR A 4 0.77 3.78 -3.38
H DTR A 4 -2.85 2.63 -2.00
HA DTR A 4 -0.90 4.89 -1.88
HB2 DTR A 4 -2.84 5.63 -2.99
HB3 DTR A 4 -1.65 5.31 -4.24
HD1 DTR A 4 -4.59 3.37 -2.63
HE1 DTR A 4 -5.99 2.28 -4.44
HZ2 DTR A 4 -6.00 2.13 -7.33
HH2 DTR A 4 -4.66 2.84 -9.31
HZ3 DTR A 4 -2.54 4.10 -8.97
HE3 DTR A 4 -1.80 4.73 -6.70
N LYS A 5 -0.59 2.00 -3.32
CA LYS A 5 0.38 1.00 -3.77
C LYS A 5 1.58 0.88 -2.83
N THR A 6 1.46 1.37 -1.60
CA THR A 6 2.50 1.22 -0.60
C THR A 6 2.77 -0.26 -0.33
N CYS A 7 1.71 -1.05 -0.25
CA CYS A 7 1.68 -2.50 -0.08
C CYS A 7 2.73 -2.93 0.91
N THR A 8 2.52 -2.52 2.17
CA THR A 8 3.45 -2.64 3.26
C THR A 8 3.62 -4.09 3.74
CA CH4 B . 0.38 -5.25 4.48
CB1 CH4 B . -0.20 -5.61 5.86
NG1 CH4 B . -0.54 -4.47 6.71
CD1 CH4 B . 0.66 -3.80 7.26
CE1 CH4 B . 0.75 -4.04 8.77
NZ1 CH4 B . -0.51 -3.65 9.41
CB2 CH4 B . 0.59 -6.63 3.85
NG2 CH4 B . 1.23 -6.56 2.53
CD2 CH4 B . 0.82 -7.76 1.78
CE2 CH4 B . 1.53 -7.86 0.43
NZ2 CH4 B . 1.58 -6.54 -0.23
C CH4 B . -0.56 -4.38 3.62
O CH4 B . -1.18 -4.85 2.67
HA CH4 B . 1.34 -4.75 4.59
HB12 CH4 B . -1.10 -6.21 5.70
HB13 CH4 B . 0.53 -6.24 6.38
HG1 CH4 B . -1.14 -3.83 6.22
HD12 CH4 B . 0.60 -2.74 7.06
HD13 CH4 B . 1.55 -4.22 6.78
HE12 CH4 B . 1.58 -3.45 9.17
HE13 CH4 B . 0.94 -5.10 8.94
HZ11 CH4 B . -1.25 -4.16 8.95
HZ12 CH4 B . -0.49 -3.91 10.39
HB22 CH4 B . 1.21 -7.23 4.51
HB23 CH4 B . -0.39 -7.10 3.75
HG2 CH4 B . 2.24 -6.45 2.64
HD22 CH4 B . 1.02 -8.65 2.36
HD23 CH4 B . -0.26 -7.68 1.60
HE22 CH4 B . 0.98 -8.56 -0.21
HE23 CH4 B . 2.54 -8.23 0.59
HZ21 CH4 B . 2.01 -5.89 0.42
HZ22 CH4 B . 2.13 -6.60 -1.07
N DPN A 1 -0.77 -3.28 3.91
CA DPN A 1 -1.79 -2.38 3.40
C DPN A 1 -1.38 -1.79 2.05
O DPN A 1 -0.24 -1.34 1.92
CB DPN A 1 -3.18 -3.05 3.38
CG DPN A 1 -3.48 -3.92 4.59
CD1 DPN A 1 -3.62 -3.35 5.86
CD2 DPN A 1 -3.58 -5.31 4.43
CE1 DPN A 1 -3.85 -4.17 6.98
CE2 DPN A 1 -3.81 -6.14 5.55
CZ DPN A 1 -3.94 -5.56 6.83
H DPN A 1 -0.14 -2.96 4.63
HA DPN A 1 -1.86 -1.53 4.06
HB2 DPN A 1 -3.94 -2.27 3.31
HB3 DPN A 1 -3.27 -3.66 2.48
HD1 DPN A 1 -3.54 -2.28 5.99
HD2 DPN A 1 -3.44 -5.76 3.46
HE1 DPN A 1 -3.94 -3.73 7.96
HE2 DPN A 1 -3.86 -7.21 5.43
HZ DPN A 1 -4.10 -6.19 7.69
N CYS A 2 -2.27 -1.71 1.07
CA CYS A 2 -1.93 -1.24 -0.27
C CYS A 2 -2.51 0.15 -0.51
N TYR A 3 -2.36 1.05 0.46
CA TYR A 3 -3.02 2.34 0.45
C TYR A 3 -2.09 3.33 -0.22
N DTR A 4 -2.17 3.36 -1.55
CA DTR A 4 -1.34 4.18 -2.42
CB DTR A 4 -2.21 4.94 -3.43
CG DTR A 4 -3.26 4.15 -4.17
CD1 DTR A 4 -4.33 3.55 -3.60
NE1 DTR A 4 -5.13 2.98 -4.56
CE2 DTR A 4 -4.64 3.22 -5.83
CZ2 DTR A 4 -5.09 2.90 -7.12
CH2 DTR A 4 -4.35 3.31 -8.23
CZ3 DTR A 4 -3.15 4.01 -8.05
CE3 DTR A 4 -2.69 4.34 -6.74
CD2 DTR A 4 -3.43 3.95 -5.60
C DTR A 4 -0.29 3.32 -3.11
O DTR A 4 0.81 3.77 -3.37
H DTR A 4 -2.81 2.71 -1.97
HA DTR A 4 -0.79 4.91 -1.82
HB2 DTR A 4 -2.73 5.74 -2.88
HB3 DTR A 4 -1.56 5.43 -4.15
HD1 DTR A 4 -4.55 3.53 -2.54
HE1 DTR A 4 -6.00 2.51 -4.34
HZ2 DTR A 4 -6.03 2.38 -7.24
HH2 DTR A 4 -4.70 3.09 -9.23
HZ3 DTR A 4 -2.56 4.33 -8.90
HE3 DTR A 4 -1.78 4.90 -6.63
N LYS A 5 -0.61 2.05 -3.34
CA LYS A 5 0.31 1.01 -3.82
C LYS A 5 1.52 0.84 -2.91
N THR A 6 1.44 1.31 -1.66
CA THR A 6 2.49 1.16 -0.67
C THR A 6 2.76 -0.32 -0.41
N CYS A 7 1.69 -1.11 -0.24
CA CYS A 7 1.68 -2.54 -0.01
C CYS A 7 2.77 -2.92 0.98
N THR A 8 2.52 -2.52 2.23
CA THR A 8 3.47 -2.53 3.34
C THR A 8 3.77 -3.94 3.88
CA CH4 B . 0.35 -5.45 4.26
CB1 CH4 B . -0.14 -5.77 5.69
NG1 CH4 B . -0.67 -4.65 6.50
CD1 CH4 B . 0.36 -3.93 7.27
CE1 CH4 B . 0.87 -4.78 8.43
NZ1 CH4 B . 1.78 -4.00 9.28
CB2 CH4 B . 0.38 -6.90 3.74
NG2 CH4 B . 0.66 -7.06 2.30
CD2 CH4 B . 2.08 -7.17 2.00
CE2 CH4 B . 2.26 -7.78 0.61
NZ2 CH4 B . 1.51 -7.02 -0.40
C CH4 B . -0.58 -4.52 3.44
O CH4 B . -1.13 -4.93 2.42
HA CH4 B . 1.36 -5.01 4.28
HB12 CH4 B . -0.95 -6.49 5.61
HB13 CH4 B . 0.68 -6.26 6.24
HG1 CH4 B . -1.29 -4.07 5.99
HD12 CH4 B . -0.08 -3.01 7.67
HD13 CH4 B . 1.19 -3.67 6.63
HE12 CH4 B . 1.40 -5.64 8.02
HE13 CH4 B . 0.02 -5.13 9.01
HZ11 CH4 B . 2.05 -4.55 10.08
HZ12 CH4 B . 2.59 -3.74 8.76
HB22 CH4 B . 1.12 -7.46 4.31
HB23 CH4 B . -0.60 -7.33 3.94
HG2 CH4 B . 0.21 -6.32 1.77
HD22 CH4 B . 2.56 -6.18 2.04
HD23 CH4 B . 2.56 -7.82 2.74
HE22 CH4 B . 1.90 -8.81 0.63
HE23 CH4 B . 3.32 -7.78 0.36
HZ21 CH4 B . 2.10 -6.29 -0.77
HZ22 CH4 B . 1.21 -7.63 -1.14
N DPN A 1 -0.87 -3.23 4.05
CA DPN A 1 -1.89 -2.36 3.47
C DPN A 1 -1.43 -1.83 2.11
O DPN A 1 -0.28 -1.43 1.97
CB DPN A 1 -3.26 -3.05 3.42
CG DPN A 1 -3.62 -3.87 4.64
CD1 DPN A 1 -3.87 -3.24 5.88
CD2 DPN A 1 -3.68 -5.27 4.54
CE1 DPN A 1 -4.17 -4.03 7.02
CE2 DPN A 1 -3.97 -6.05 5.67
CZ DPN A 1 -4.21 -5.43 6.91
H DPN A 1 -0.25 -2.86 4.76
HA DPN A 1 -1.99 -1.49 4.10
HB2 DPN A 1 -4.02 -2.27 3.29
HB3 DPN A 1 -3.31 -3.70 2.55
HD1 DPN A 1 -3.81 -2.17 5.95
HD2 DPN A 1 -3.47 -5.75 3.59
HE1 DPN A 1 -4.36 -3.56 7.96
HE2 DPN A 1 -4.00 -7.13 5.58
HZ DPN A 1 -4.44 -6.04 7.78
N CYS A 2 -2.32 -1.72 1.12
CA CYS A 2 -1.96 -1.26 -0.22
C CYS A 2 -2.56 0.12 -0.50
N TYR A 3 -2.40 1.05 0.45
CA TYR A 3 -3.07 2.33 0.39
C TYR A 3 -2.10 3.32 -0.25
N DTR A 4 -2.15 3.33 -1.59
CA DTR A 4 -1.32 4.16 -2.44
CB DTR A 4 -2.20 4.89 -3.47
CG DTR A 4 -3.21 4.06 -4.23
CD1 DTR A 4 -4.28 3.44 -3.68
NE1 DTR A 4 -5.04 2.84 -4.65
CE2 DTR A 4 -4.53 3.09 -5.91
CZ2 DTR A 4 -4.96 2.74 -7.20
CH2 DTR A 4 -4.21 3.16 -8.31
CZ3 DTR A 4 -3.03 3.89 -8.10
CE3 DTR A 4 -2.60 4.24 -6.80
CD2 DTR A 4 -3.35 3.85 -5.67
C DTR A 4 -0.24 3.31 -3.10
O DTR A 4 0.86 3.80 -3.35
H DTR A 4 -2.78 2.67 -2.01
HA DTR A 4 -0.80 4.90 -1.83
HB2 DTR A 4 -2.74 5.67 -2.95
HB3 DTR A 4 -1.54 5.38 -4.20
HD1 DTR A 4 -4.52 3.44 -2.63
HE1 DTR A 4 -5.90 2.35 -4.45
HZ2 DTR A 4 -5.88 2.19 -7.34
HH2 DTR A 4 -4.54 2.92 -9.31
HZ3 DTR A 4 -2.44 4.21 -8.96
HE3 DTR A 4 -1.72 4.83 -6.68
N LYS A 5 -0.52 2.04 -3.33
CA LYS A 5 0.43 1.03 -3.78
C LYS A 5 1.62 0.87 -2.83
N THR A 6 1.49 1.33 -1.60
CA THR A 6 2.51 1.14 -0.57
C THR A 6 2.77 -0.35 -0.34
N CYS A 7 1.68 -1.14 -0.31
CA CYS A 7 1.63 -2.57 -0.06
C CYS A 7 2.69 -2.98 0.96
N THR A 8 2.47 -2.50 2.18
CA THR A 8 3.48 -2.45 3.21
C THR A 8 4.02 -3.83 3.58
CA CH4 B . 0.16 -5.39 4.63
CB1 CH4 B . -0.52 -5.70 5.98
NG1 CH4 B . -0.90 -4.52 6.78
CD1 CH4 B . 0.26 -3.78 7.31
CE1 CH4 B . 0.01 -3.31 8.73
NZ1 CH4 B . -1.27 -2.57 8.83
CB2 CH4 B . 0.35 -6.78 4.03
NG2 CH4 B . 1.14 -6.73 2.79
CD2 CH4 B . 0.91 -7.96 1.99
CE2 CH4 B . 1.67 -9.12 2.60
NZ2 CH4 B . 3.09 -8.75 2.71
C CH4 B . -0.68 -4.50 3.69
O CH4 B . -1.16 -4.95 2.66
HA CH4 B . 1.13 -4.95 4.79
HB12 CH4 B . -1.42 -6.28 5.78
HB13 CH4 B . 0.16 -6.32 6.56
HG1 CH4 B . -1.54 -3.93 6.27
HD12 CH4 B . 0.45 -2.92 6.67
HD13 CH4 B . 1.14 -4.43 7.29
HE12 CH4 B . 0.83 -2.67 9.06
HE13 CH4 B . -0.04 -4.18 9.39
HZ11 CH4 B . -2.01 -3.21 8.59
HZ12 CH4 B . -1.39 -2.24 9.77
HB22 CH4 B . 0.86 -7.43 4.74
HB23 CH4 B . -0.64 -7.20 3.80
HG2 CH4 B . 0.85 -5.92 2.25
HD22 CH4 B . -0.15 -8.18 1.96
HD23 CH4 B . 1.27 -7.79 0.97
HE22 CH4 B . 1.55 -10.01 1.98
HE23 CH4 B . 1.27 -9.32 3.60
HZ21 CH4 B . 3.14 -7.79 3.05
HZ22 CH4 B . 3.56 -9.37 3.35
N DPN A 1 -0.91 -3.19 4.07
CA DPN A 1 -1.89 -2.29 3.49
C DPN A 1 -1.43 -1.80 2.12
O DPN A 1 -0.29 -1.37 1.99
CB DPN A 1 -3.31 -2.91 3.48
CG DPN A 1 -3.67 -3.72 4.71
CD1 DPN A 1 -3.79 -3.11 5.97
CD2 DPN A 1 -3.84 -5.12 4.60
CE1 DPN A 1 -4.07 -3.89 7.12
CE2 DPN A 1 -4.10 -5.89 5.74
CZ DPN A 1 -4.21 -5.28 7.00
H DPN A 1 -0.22 -2.83 4.73
HA DPN A 1 -1.94 -1.41 4.12
HB2 DPN A 1 -4.02 -2.10 3.36
HB3 DPN A 1 -3.40 -3.56 2.61
HD1 DPN A 1 -3.66 -2.04 6.06
HD2 DPN A 1 -3.73 -5.59 3.63
HE1 DPN A 1 -4.14 -3.42 8.09
HE2 DPN A 1 -4.20 -6.97 5.64
HZ DPN A 1 -4.40 -5.88 7.87
N CYS A 2 -2.31 -1.73 1.12
CA CYS A 2 -1.94 -1.28 -0.22
C CYS A 2 -2.50 0.12 -0.50
N TYR A 3 -2.36 1.02 0.46
CA TYR A 3 -3.04 2.30 0.42
C TYR A 3 -2.11 3.29 -0.27
N DTR A 4 -2.17 3.28 -1.60
CA DTR A 4 -1.36 4.12 -2.48
CB DTR A 4 -2.26 4.81 -3.51
CG DTR A 4 -3.26 3.97 -4.26
CD1 DTR A 4 -4.30 3.31 -3.71
NE1 DTR A 4 -5.07 2.72 -4.69
CE2 DTR A 4 -4.55 2.97 -5.94
CZ2 DTR A 4 -4.97 2.61 -7.24
CH2 DTR A 4 -4.21 3.02 -8.34
CZ3 DTR A 4 -3.04 3.76 -8.13
CE3 DTR A 4 -2.63 4.13 -6.83
CD2 DTR A 4 -3.37 3.73 -5.70
C DTR A 4 -0.27 3.28 -3.13
O DTR A 4 0.81 3.79 -3.39
H DTR A 4 -2.79 2.60 -2.01
HA DTR A 4 -0.86 4.87 -1.88
HB2 DTR A 4 -2.81 5.59 -3.00
HB3 DTR A 4 -1.61 5.31 -4.24
HD1 DTR A 4 -4.54 3.30 -2.66
HE1 DTR A 4 -5.91 2.21 -4.48
HZ2 DTR A 4 -5.88 2.06 -7.37
HH2 DTR A 4 -4.55 2.80 -9.35
HZ3 DTR A 4 -2.45 4.09 -8.98
HE3 DTR A 4 -1.74 4.73 -6.70
N LYS A 5 -0.52 1.99 -3.32
CA LYS A 5 0.47 1.00 -3.76
C LYS A 5 1.65 0.89 -2.80
N THR A 6 1.51 1.36 -1.56
CA THR A 6 2.53 1.20 -0.54
C THR A 6 2.76 -0.30 -0.30
N CYS A 7 1.67 -1.07 -0.26
CA CYS A 7 1.60 -2.52 -0.10
C CYS A 7 2.61 -3.01 0.92
N THR A 8 2.44 -2.51 2.14
CA THR A 8 3.48 -2.47 3.15
C THR A 8 3.99 -3.87 3.49
CA CH4 B . 0.10 -5.36 4.67
CB1 CH4 B . -0.51 -5.74 6.03
NG1 CH4 B . -0.92 -4.59 6.86
CD1 CH4 B . 0.21 -3.74 7.31
CE1 CH4 B . 0.06 -3.43 8.79
NZ1 CH4 B . 0.09 -4.68 9.56
CB2 CH4 B . 0.39 -6.70 4.01
NG2 CH4 B . 1.13 -6.51 2.75
CD2 CH4 B . 1.17 -7.75 1.98
CE2 CH4 B . 0.81 -7.48 0.51
NZ2 CH4 B . 1.46 -6.25 0.03
C CH4 B . -0.81 -4.50 3.78
O CH4 B . -1.45 -4.99 2.85
HA CH4 B . 1.04 -4.84 4.83
HB12 CH4 B . -1.39 -6.36 5.85
HB13 CH4 B . 0.22 -6.33 6.58
HG1 CH4 B . -1.64 -4.05 6.41
HD12 CH4 B . 0.23 -2.82 6.73
HD13 CH4 B . 1.14 -4.28 7.15
HE12 CH4 B . -0.90 -2.93 8.95
HE13 CH4 B . 0.86 -2.76 9.11
HZ11 CH4 B . -0.25 -4.53 10.49
HZ12 CH4 B . -0.47 -5.36 9.08
HB22 CH4 B . 1.00 -7.31 4.69
HB23 CH4 B . -0.55 -7.21 3.81
HG2 CH4 B . 2.05 -6.11 2.94
HD22 CH4 B . 2.17 -8.18 2.03
HD23 CH4 B . 0.45 -8.46 2.38
HE22 CH4 B . -0.28 -7.35 0.44
HE23 CH4 B . 1.12 -8.33 -0.10
HZ21 CH4 B . 2.38 -6.14 0.44
HZ22 CH4 B . 1.51 -6.26 -0.97
N DPN A 1 -0.88 -3.28 4.00
CA DPN A 1 -1.88 -2.37 3.46
C DPN A 1 -1.42 -1.80 2.12
O DPN A 1 -0.28 -1.39 2.00
CB DPN A 1 -3.28 -3.01 3.42
CG DPN A 1 -3.65 -3.84 4.63
CD1 DPN A 1 -3.80 -3.25 5.89
CD2 DPN A 1 -3.79 -5.24 4.49
CE1 DPN A 1 -4.06 -4.05 7.02
CE2 DPN A 1 -4.04 -6.04 5.62
CZ DPN A 1 -4.18 -5.45 6.88
H DPN A 1 -0.23 -2.93 4.69
HA DPN A 1 -1.95 -1.51 4.12
HB2 DPN A 1 -4.01 -2.21 3.32
HB3 DPN A 1 -3.36 -3.63 2.52
HD1 DPN A 1 -3.68 -2.18 6.00
HD2 DPN A 1 -3.64 -5.71 3.52
HE1 DPN A 1 -4.16 -3.61 8.00
HE2 DPN A 1 -4.11 -7.12 5.51
HZ DPN A 1 -4.35 -6.07 7.75
N CYS A 2 -2.29 -1.70 1.12
CA CYS A 2 -1.90 -1.24 -0.21
C CYS A 2 -2.48 0.16 -0.49
N TYR A 3 -2.39 1.05 0.49
CA TYR A 3 -3.03 2.34 0.41
C TYR A 3 -2.04 3.28 -0.28
N DTR A 4 -2.16 3.32 -1.60
CA DTR A 4 -1.34 4.14 -2.47
CB DTR A 4 -2.24 4.87 -3.48
CG DTR A 4 -3.24 4.04 -4.24
CD1 DTR A 4 -4.30 3.40 -3.72
NE1 DTR A 4 -5.03 2.79 -4.71
CE2 DTR A 4 -4.51 3.05 -5.95
CZ2 DTR A 4 -4.91 2.71 -7.25
CH2 DTR A 4 -4.14 3.14 -8.35
CZ3 DTR A 4 -2.97 3.89 -8.12
CE3 DTR A 4 -2.59 4.24 -6.81
CD2 DTR A 4 -3.35 3.83 -5.69
C DTR A 4 -0.28 3.29 -3.16
O DTR A 4 0.80 3.78 -3.47
H DTR A 4 -2.81 2.67 -2.01
HA DTR A 4 -0.82 4.89 -1.87
HB2 DTR A 4 -2.79 5.64 -2.95
HB3 DTR A 4 -1.60 5.39 -4.20
HD1 DTR A 4 -4.56 3.37 -2.67
HE1 DTR A 4 -5.89 2.27 -4.53
HZ2 DTR A 4 -5.82 2.14 -7.42
HH2 DTR A 4 -4.45 2.92 -9.36
HZ3 DTR A 4 -2.37 4.22 -8.95
HE3 DTR A 4 -1.70 4.84 -6.66
N LYS A 5 -0.55 2.00 -3.32
CA LYS A 5 0.40 0.99 -3.78
C LYS A 5 1.59 0.87 -2.82
N THR A 6 1.44 1.32 -1.58
CA THR A 6 2.48 1.17 -0.57
C THR A 6 2.75 -0.29 -0.24
N CYS A 7 1.71 -1.13 -0.36
CA CYS A 7 1.64 -2.55 -0.06
C CYS A 7 2.69 -2.95 0.96
N THR A 8 2.47 -2.48 2.19
CA THR A 8 3.48 -2.47 3.22
C THR A 8 3.92 -3.89 3.56
CA CH4 B . 0.12 -5.45 4.57
CB1 CH4 B . -0.55 -5.77 5.91
NG1 CH4 B . -0.90 -4.60 6.74
CD1 CH4 B . 0.24 -3.99 7.44
CE1 CH4 B . -0.05 -4.00 8.94
NZ1 CH4 B . 1.06 -3.41 9.71
CB2 CH4 B . 0.37 -6.85 4.00
NG2 CH4 B . 1.28 -6.86 2.84
CD2 CH4 B . 0.53 -7.13 1.60
CE2 CH4 B . 0.32 -8.64 1.44
NZ2 CH4 B . -0.74 -8.92 0.47
C CH4 B . -0.75 -4.57 3.65
O CH4 B . -1.36 -5.04 2.69
HA CH4 B . 1.08 -4.96 4.74
HB12 CH4 B . -1.45 -6.34 5.72
HB13 CH4 B . 0.13 -6.40 6.49
HG1 CH4 B . -1.47 -3.93 6.23
HD12 CH4 B . 0.37 -2.96 7.11
HD13 CH4 B . 1.14 -4.55 7.24
HE12 CH4 B . -0.19 -5.04 9.26
HE13 CH4 B . -0.97 -3.45 9.14
HZ11 CH4 B . 0.85 -3.44 10.69
HZ12 CH4 B . 1.91 -3.92 9.53
HB22 CH4 B . 0.83 -7.45 4.78
HB23 CH4 B . -0.58 -7.30 3.72
HG2 CH4 B . 1.83 -5.99 2.81
HD22 CH4 B . -0.44 -6.65 1.66
HD23 CH4 B . 1.07 -6.75 0.75
HE22 CH4 B . 0.06 -9.07 2.40
HE23 CH4 B . 1.27 -9.09 1.11
HZ21 CH4 B . -0.79 -9.92 0.29
HZ22 CH4 B . -1.62 -8.60 0.84
N DPN A 1 -0.81 -3.32 4.12
CA DPN A 1 -1.83 -2.42 3.61
C DPN A 1 -1.44 -1.94 2.22
O DPN A 1 -0.25 -1.74 1.98
CB DPN A 1 -3.22 -3.03 3.69
CG DPN A 1 -3.53 -3.64 5.05
CD1 DPN A 1 -3.52 -5.03 5.23
CD2 DPN A 1 -3.73 -2.80 6.15
CE1 DPN A 1 -3.71 -5.58 6.50
CE2 DPN A 1 -3.93 -3.34 7.44
CZ DPN A 1 -3.91 -4.73 7.61
H DPN A 1 -0.11 -2.94 4.75
HA DPN A 1 -1.83 -1.53 4.27
HB2 DPN A 1 -3.96 -2.26 3.48
HB3 DPN A 1 -3.33 -3.79 2.92
HD1 DPN A 1 -3.33 -5.69 4.38
HD2 DPN A 1 -3.72 -1.72 6.01
HE1 DPN A 1 -3.68 -6.66 6.65
HE2 DPN A 1 -4.08 -2.69 8.28
HZ DPN A 1 -4.05 -5.15 8.59
N CYS A 2 -2.38 -1.66 1.31
CA CYS A 2 -1.99 -1.10 0.03
C CYS A 2 -2.86 0.10 -0.34
N TYR A 3 -2.61 1.20 0.36
CA TYR A 3 -3.35 2.44 0.24
C TYR A 3 -2.42 3.47 -0.38
N DTR A 4 -2.09 3.21 -1.64
CA DTR A 4 -1.30 4.09 -2.49
CB DTR A 4 -2.21 4.75 -3.53
CG DTR A 4 -3.17 3.88 -4.29
CD1 DTR A 4 -4.18 3.17 -3.73
NE1 DTR A 4 -4.93 2.55 -4.71
CE2 DTR A 4 -4.47 2.87 -5.97
CZ2 DTR A 4 -4.92 2.56 -7.25
CH2 DTR A 4 -4.22 3.05 -8.37
CZ3 DTR A 4 -3.07 3.85 -8.17
CE3 DTR A 4 -2.64 4.15 -6.87
CD2 DTR A 4 -3.32 3.69 -5.73
C DTR A 4 -0.14 3.34 -3.11
O DTR A 4 0.96 3.87 -3.22
H DTR A 4 -2.53 2.40 -2.03
HA DTR A 4 -0.86 4.88 -1.86
HB2 DTR A 4 -2.79 5.51 -3.03
HB3 DTR A 4 -1.57 5.27 -4.25
HD1 DTR A 4 -4.41 3.13 -2.67
HE1 DTR A 4 -5.77 2.02 -4.49
HZ2 DTR A 4 -5.82 1.97 -7.40
HH2 DTR A 4 -4.57 2.84 -9.37
HZ3 DTR A 4 -2.53 4.23 -9.02
HE3 DTR A 4 -1.78 4.79 -6.74
N LYS A 5 -0.35 2.06 -3.45
CA LYS A 5 0.69 1.14 -3.88
C LYS A 5 1.78 0.95 -2.84
N THR A 6 1.53 1.35 -1.58
CA THR A 6 2.48 1.14 -0.51
C THR A 6 2.73 -0.35 -0.26
N CYS A 7 1.67 -1.17 -0.33
CA CYS A 7 1.66 -2.63 -0.17
C CYS A 7 2.71 -3.09 0.85
N THR A 8 2.49 -2.69 2.11
CA THR A 8 3.54 -2.52 3.11
C THR A 8 4.18 -3.83 3.58
CA CH4 B . 0.45 -5.36 4.50
CB1 CH4 B . 0.00 -5.85 5.89
NG1 CH4 B . -0.54 -4.81 6.79
CD1 CH4 B . 0.43 -3.80 7.25
CE1 CH4 B . 1.75 -4.44 7.66
NZ1 CH4 B . 2.68 -3.44 8.21
CB2 CH4 B . 0.86 -6.65 3.78
NG2 CH4 B . 1.32 -6.39 2.41
CD2 CH4 B . 2.58 -7.13 2.20
CE2 CH4 B . 3.12 -6.94 0.79
NZ2 CH4 B . 2.06 -7.03 -0.23
C CH4 B . -0.63 -4.59 3.74
O CH4 B . -1.30 -5.13 2.85
HA CH4 B . 1.34 -4.74 4.59
HB12 CH4 B . -0.76 -6.61 5.75
HB13 CH4 B . 0.86 -6.32 6.37
HG1 CH4 B . -1.39 -4.39 6.42
HD12 CH4 B . 0.01 -3.29 8.12
HD13 CH4 B . 0.60 -3.07 6.47
HE12 CH4 B . 2.21 -4.91 6.78
HE13 CH4 B . 1.55 -5.21 8.41
HZ11 CH4 B . 3.39 -3.91 8.76
HZ12 CH4 B . 3.12 -2.95 7.45
HB22 CH4 B . 1.66 -7.12 4.35
HB23 CH4 B . 0.01 -7.33 3.74
HG2 CH4 B . 0.61 -6.71 1.78
HD22 CH4 B . 3.32 -6.77 2.91
HD23 CH4 B . 2.41 -8.20 2.37
HE22 CH4 B . 3.88 -7.70 0.59
HE23 CH4 B . 3.60 -5.96 0.72
HZ21 CH4 B . 1.49 -6.21 -0.15
HZ22 CH4 B . 2.49 -7.05 -1.15
N DPN A 1 -0.78 -3.39 4.17
CA DPN A 1 -1.74 -2.40 3.67
C DPN A 1 -1.37 -1.96 2.26
O DPN A 1 -0.19 -1.81 1.98
CB DPN A 1 -3.17 -2.91 3.82
CG DPN A 1 -3.46 -3.46 5.21
CD1 DPN A 1 -3.53 -2.59 6.29
CD2 DPN A 1 -3.59 -4.85 5.40
CE1 DPN A 1 -3.73 -3.09 7.60
CE2 DPN A 1 -3.78 -5.36 6.69
CZ DPN A 1 -3.86 -4.48 7.79
H DPN A 1 -0.08 -3.09 4.84
HA DPN A 1 -1.63 -1.52 4.32
HB2 DPN A 1 -3.85 -2.08 3.62
HB3 DPN A 1 -3.35 -3.67 3.07
HD1 DPN A 1 -3.41 -1.52 6.14
HD2 DPN A 1 -3.51 -5.52 4.56
HE1 DPN A 1 -3.77 -2.42 8.44
HE2 DPN A 1 -3.87 -6.42 6.85
HZ DPN A 1 -3.99 -4.86 8.80
N CYS A 2 -2.32 -1.66 1.37
CA CYS A 2 -1.94 -1.11 0.07
C CYS A 2 -2.81 0.08 -0.30
N TYR A 3 -2.57 1.20 0.39
CA TYR A 3 -3.33 2.42 0.24
C TYR A 3 -2.41 3.46 -0.38
N DTR A 4 -2.12 3.20 -1.65
CA DTR A 4 -1.36 4.09 -2.52
CB DTR A 4 -2.28 4.74 -3.55
CG DTR A 4 -3.23 3.85 -4.30
CD1 DTR A 4 -4.23 3.12 -3.74
NE1 DTR A 4 -4.94 2.47 -4.71
CE2 DTR A 4 -4.47 2.76 -5.97
CZ2 DTR A 4 -4.89 2.40 -7.26
CH2 DTR A 4 -4.21 2.91 -8.37
CZ3 DTR A 4 -3.10 3.76 -8.18
CE3 DTR A 4 -2.69 4.12 -6.88
CD2 DTR A 4 -3.36 3.63 -5.74
C DTR A 4 -0.20 3.34 -3.17
O DTR A 4 0.88 3.88 -3.32
H DTR A 4 -2.58 2.39 -2.04
HA DTR A 4 -0.90 4.88 -1.91
HB2 DTR A 4 -2.88 5.49 -3.04
HB3 DTR A 4 -1.66 5.28 -4.28
HD1 DTR A 4 -4.46 3.10 -2.69
HE1 DTR A 4 -5.76 1.91 -4.50
HZ2 DTR A 4 -5.77 1.78 -7.39
HH2 DTR A 4 -4.54 2.68 -9.38
HZ3 DTR A 4 -2.58 4.16 -9.03
HE3 DTR A 4 -1.85 4.79 -6.76
N LYS A 5 -0.41 2.06 -3.48
CA LYS A 5 0.63 1.13 -3.91
C LYS A 5 1.76 1.00 -2.89
N THR A 6 1.51 1.39 -1.63
CA THR A 6 2.49 1.20 -0.57
C THR A 6 2.78 -0.28 -0.33
N CYS A 7 1.74 -1.13 -0.40
CA CYS A 7 1.77 -2.57 -0.20
C CYS A 7 2.85 -2.95 0.84
N THR A 8 2.55 -2.62 2.09
CA THR A 8 3.46 -2.65 3.21
C THR A 8 3.72 -4.08 3.71
CA CH4 B . 0.29 -5.57 4.46
CB1 CH4 B . -0.18 -5.97 5.87
NG1 CH4 B . -0.54 -4.85 6.76
CD1 CH4 B . 0.62 -4.09 7.24
CE1 CH4 B . 0.94 -4.47 8.68
NZ1 CH4 B . 1.12 -5.93 8.76
CB2 CH4 B . 0.41 -6.95 3.75
NG2 CH4 B . 0.88 -6.84 2.36
CD2 CH4 B . 2.26 -7.32 2.24
CE2 CH4 B . 2.30 -8.83 2.03
NZ2 CH4 B . 3.69 -9.31 2.03
C CH4 B . -0.69 -4.64 3.72
O CH4 B . -1.37 -5.06 2.78
HA CH4 B . 1.27 -5.10 4.50
HB12 CH4 B . -1.06 -6.61 5.76
HB13 CH4 B . 0.62 -6.56 6.33
HG1 CH4 B . -1.25 -4.26 6.35
HD12 CH4 B . 0.41 -3.02 7.19
HD13 CH4 B . 1.48 -4.31 6.61
HE12 CH4 B . 0.10 -4.18 9.32
HE13 CH4 B . 1.84 -3.96 9.02
HZ11 CH4 B . 1.91 -6.17 8.20
HZ12 CH4 B . 0.31 -6.35 8.34
HB22 CH4 B . 1.10 -7.57 4.31
HB23 CH4 B . -0.57 -7.42 3.76
HG2 CH4 B . 0.83 -5.87 2.08
HD22 CH4 B . 2.75 -6.81 1.41
HD23 CH4 B . 2.81 -7.06 3.16
HE22 CH4 B . 1.84 -9.06 1.06
HE23 CH4 B . 1.74 -9.32 2.82
HZ21 CH4 B . 3.71 -10.32 2.02
HZ22 CH4 B . 4.18 -8.94 1.23
N DPN A 1 -0.75 -3.25 4.19
CA DPN A 1 -1.75 -2.33 3.68
C DPN A 1 -1.39 -1.92 2.26
O DPN A 1 -0.20 -1.75 1.99
CB DPN A 1 -3.18 -2.87 3.83
CG DPN A 1 -3.44 -3.46 5.20
CD1 DPN A 1 -3.39 -2.63 6.33
CD2 DPN A 1 -3.67 -4.84 5.36
CE1 DPN A 1 -3.56 -3.17 7.62
CE2 DPN A 1 -3.84 -5.39 6.64
CZ DPN A 1 -3.78 -4.55 7.77
H DPN A 1 0.03 -2.88 4.71
HA DPN A 1 -1.68 -1.43 4.29
HB2 DPN A 1 -3.87 -2.05 3.65
HB3 DPN A 1 -3.36 -3.62 3.06
HD1 DPN A 1 -3.20 -1.58 6.22
HD2 DPN A 1 -3.68 -5.48 4.49
HE1 DPN A 1 -3.50 -2.54 8.49
HE2 DPN A 1 -3.98 -6.45 6.76
HZ DPN A 1 -3.90 -4.98 8.76
N CYS A 2 -2.33 -1.65 1.35
CA CYS A 2 -1.96 -1.11 0.05
C CYS A 2 -2.85 0.07 -0.32
N TYR A 3 -2.60 1.19 0.36
CA TYR A 3 -3.36 2.42 0.23
C TYR A 3 -2.45 3.45 -0.41
N DTR A 4 -2.13 3.17 -1.67
CA DTR A 4 -1.37 4.06 -2.54
CB DTR A 4 -2.30 4.70 -3.58
CG DTR A 4 -3.22 3.78 -4.34
CD1 DTR A 4 -4.20 3.02 -3.81
NE1 DTR A 4 -4.87 2.33 -4.79
CE2 DTR A 4 -4.37 2.64 -6.03
CZ2 DTR A 4 -4.75 2.26 -7.33
CH2 DTR A 4 -4.06 2.80 -8.44
CZ3 DTR A 4 -3.00 3.69 -8.22
CE3 DTR A 4 -2.62 4.06 -6.91
CD2 DTR A 4 -3.30 3.56 -5.79
C DTR A 4 -0.20 3.33 -3.17
O DTR A 4 0.88 3.89 -3.31
H DTR A 4 -2.58 2.35 -2.06
HA DTR A 4 -0.94 4.86 -1.92
HB2 DTR A 4 -2.93 5.43 -3.07
HB3 DTR A 4 -1.69 5.26 -4.29
HD1 DTR A 4 -4.46 2.99 -2.76
HE1 DTR A 4 -5.66 1.74 -4.59
HZ2 DTR A 4 -5.58 1.59 -7.49
HH2 DTR A 4 -4.37 2.54 -9.44
HZ3 DTR A 4 -2.47 4.12 -9.06
HE3 DTR A 4 -1.82 4.78 -6.77
N LYS A 5 -0.38 2.04 -3.48
CA LYS A 5 0.69 1.13 -3.88
C LYS A 5 1.80 1.01 -2.84
N THR A 6 1.54 1.42 -1.59
CA THR A 6 2.48 1.21 -0.51
C THR A 6 2.77 -0.27 -0.29
N CYS A 7 1.73 -1.12 -0.37
CA CYS A 7 1.76 -2.57 -0.20
C CYS A 7 2.83 -2.98 0.80
N THR A 8 2.54 -2.67 2.08
CA THR A 8 3.50 -2.71 3.16
C THR A 8 3.80 -4.13 3.64
CA CH4 B . 0.43 -5.34 4.62
CB1 CH4 B . 0.01 -5.88 5.99
NG1 CH4 B . -0.50 -4.85 6.93
CD1 CH4 B . 0.56 -3.97 7.45
CE1 CH4 B . 0.18 -3.48 8.85
NZ1 CH4 B . -0.15 -4.62 9.73
CB2 CH4 B . 0.81 -6.58 3.80
NG2 CH4 B . 1.22 -6.23 2.44
CD2 CH4 B . 0.59 -7.17 1.50
CE2 CH4 B . 1.18 -7.04 0.10
NZ2 CH4 B . 2.01 -8.21 -0.21
C CH4 B . -0.69 -4.56 3.92
O CH4 B . -1.51 -5.13 3.20
HA CH4 B . 1.30 -4.70 4.71
HB12 CH4 B . -0.76 -6.63 5.84
HB13 CH4 B . 0.87 -6.37 6.44
HG1 CH4 B . -1.29 -4.34 6.55
HD12 CH4 B . 0.69 -3.12 6.79
HD13 CH4 B . 1.50 -4.53 7.51
HE12 CH4 B . -0.68 -2.82 8.79
HE13 CH4 B . 1.02 -2.92 9.27
HZ11 CH4 B . 0.60 -5.30 9.69
HZ12 CH4 B . -0.30 -4.31 10.67
HB22 CH4 B . 1.63 -7.09 4.30
HB23 CH4 B . -0.05 -7.23 3.76
HG2 CH4 B . 2.24 -6.18 2.36
HD22 CH4 B . 0.72 -8.19 1.87
HD23 CH4 B . -0.48 -6.94 1.47
HE22 CH4 B . 1.78 -6.14 0.06
HE23 CH4 B . 0.37 -6.96 -0.63
HZ21 CH4 B . 1.42 -9.00 -0.42
HZ22 CH4 B . 2.63 -8.01 -0.99
N DPN A 1 -0.88 -3.18 3.70
CA DPN A 1 -1.79 -2.05 3.68
C DPN A 1 -1.65 -1.29 2.38
O DPN A 1 -1.11 -0.19 2.40
CB DPN A 1 -3.23 -2.47 3.98
CG DPN A 1 -3.35 -3.42 5.15
CD1 DPN A 1 -3.06 -2.98 6.45
CD2 DPN A 1 -3.69 -4.78 4.94
CE1 DPN A 1 -3.11 -3.88 7.53
CE2 DPN A 1 -3.75 -5.67 6.01
CZ DPN A 1 -3.46 -5.22 7.31
H DPN A 1 -0.06 -3.12 4.30
HA DPN A 1 -1.47 -1.37 4.48
HB2 DPN A 1 -3.82 -1.58 4.18
HB3 DPN A 1 -3.64 -2.95 3.09
HD1 DPN A 1 -2.79 -1.95 6.62
HD2 DPN A 1 -3.88 -5.12 3.92
HE1 DPN A 1 -2.89 -3.54 8.53
HE2 DPN A 1 -4.00 -6.71 5.83
HZ DPN A 1 -3.50 -5.92 8.14
N CYS A 2 -2.06 -1.88 1.27
CA CYS A 2 -1.79 -1.31 -0.03
C CYS A 2 -2.74 -0.15 -0.32
N TYR A 3 -2.44 0.99 0.29
CA TYR A 3 -3.30 2.15 0.38
C TYR A 3 -2.51 3.33 -0.18
N DTR A 4 -2.02 3.09 -1.39
CA DTR A 4 -1.32 4.07 -2.21
CB DTR A 4 -2.32 4.75 -3.16
CG DTR A 4 -3.24 3.86 -3.94
CD1 DTR A 4 -4.19 3.05 -3.40
NE1 DTR A 4 -4.89 2.40 -4.41
CE2 DTR A 4 -4.46 2.82 -5.66
CZ2 DTR A 4 -4.91 2.54 -6.95
CH2 DTR A 4 -4.31 3.19 -8.04
CZ3 DTR A 4 -3.25 4.10 -7.81
CE3 DTR A 4 -2.81 4.37 -6.51
CD2 DTR A 4 -3.41 3.75 -5.39
C DTR A 4 -0.17 3.38 -2.95
O DTR A 4 0.95 3.89 -2.97
H DTR A 4 -2.28 2.19 -1.76
HA DTR A 4 -0.88 4.82 -1.56
HB2 DTR A 4 -2.93 5.42 -2.57
HB3 DTR A 4 -1.75 5.36 -3.85
HD1 DTR A 4 -4.41 2.94 -2.36
HE1 DTR A 4 -5.64 1.76 -4.22
HZ2 DTR A 4 -5.73 1.85 -7.11
HH2 DTR A 4 -4.66 3.00 -9.05
HZ3 DTR A 4 -2.81 4.61 -8.65
HE3 DTR A 4 -2.03 5.09 -6.35
N LYS A 5 -0.41 2.16 -3.45
CA LYS A 5 0.60 1.24 -3.96
C LYS A 5 1.76 0.99 -3.00
N THR A 6 1.59 1.31 -1.73
CA THR A 6 2.61 1.05 -0.71
C THR A 6 2.83 -0.45 -0.50
N CYS A 7 1.74 -1.24 -0.53
CA CYS A 7 1.68 -2.66 -0.17
C CYS A 7 2.68 -2.99 0.94
N THR A 8 2.38 -2.50 2.13
CA THR A 8 3.35 -2.45 3.22
C THR A 8 3.78 -3.83 3.72
CA CH4 B . 0.07 -5.34 3.35
CB1 CH4 B . -0.06 -5.94 4.77
NG1 CH4 B . -0.05 -4.91 5.84
CD1 CH4 B . 0.56 -5.42 7.07
CE1 CH4 B . 2.06 -5.66 6.88
NZ1 CH4 B . 2.71 -4.41 6.43
CB2 CH4 B . 0.10 -6.53 2.37
NG2 CH4 B . 0.17 -6.08 0.98
CD2 CH4 B . 0.89 -7.08 0.18
CE2 CH4 B . 0.24 -8.46 0.24
NZ2 CH4 B . -0.94 -8.52 -0.63
C CH4 B . -1.01 -4.32 3.04
O CH4 B . -1.92 -4.55 2.23
HA CH4 B . 1.03 -4.83 3.28
HB12 CH4 B . -0.98 -6.52 4.84
HB13 CH4 B . 0.79 -6.60 4.93
HG1 CH4 B . -1.02 -4.63 6.02
HD12 CH4 B . 0.07 -6.36 7.36
HD13 CH4 B . 0.41 -4.69 7.87
HE12 CH4 B . 2.20 -6.41 6.11
HE13 CH4 B . 2.50 -6.00 7.81
HZ11 CH4 B . 3.66 -4.59 6.12
HZ12 CH4 B . 2.23 -4.12 5.59
HB22 CH4 B . 0.98 -7.13 2.60
HB23 CH4 B . -0.80 -7.13 2.52
HG2 CH4 B . -0.77 -5.94 0.63
HD22 CH4 B . 0.97 -6.75 -0.86
HD23 CH4 B . 1.91 -7.15 0.58
HE22 CH4 B . -0.05 -8.66 1.28
HE23 CH4 B . 0.96 -9.21 -0.07
HZ21 CH4 B . -0.65 -8.42 -1.59
HZ22 CH4 B . -1.39 -9.41 -0.51
N DPN A 1 -0.98 -3.11 3.93
CA DPN A 1 -1.85 -1.96 3.75
C DPN A 1 -1.59 -1.29 2.42
O DPN A 1 -1.02 -0.20 2.41
CB DPN A 1 -3.32 -2.33 3.96
CG DPN A 1 -3.57 -2.96 5.31
CD1 DPN A 1 -3.22 -2.27 6.48
CD2 DPN A 1 -4.14 -4.24 5.40
CE1 DPN A 1 -3.44 -2.84 7.74
CE2 DPN A 1 -4.37 -4.81 6.66
CZ DPN A 1 -4.03 -4.12 7.83
H DPN A 1 -0.25 -3.00 4.61
HA DPN A 1 -1.58 -1.23 4.50
HB2 DPN A 1 -3.90 -1.42 3.87
HB3 DPN A 1 -3.62 -3.01 3.17
HD1 DPN A 1 -2.77 -1.28 6.39
HD2 DPN A 1 -4.39 -4.78 4.49
HE1 DPN A 1 -3.17 -2.30 8.64
HE2 DPN A 1 -4.82 -5.80 6.73
HZ DPN A 1 -4.20 -4.56 8.80
N CYS A 2 -1.99 -1.90 1.31
CA CYS A 2 -1.69 -1.32 0.01
C CYS A 2 -2.64 -0.17 -0.29
N TYR A 3 -2.38 0.99 0.33
CA TYR A 3 -3.28 2.12 0.39
C TYR A 3 -2.53 3.30 -0.22
N DTR A 4 -2.09 3.05 -1.45
CA DTR A 4 -1.42 4.00 -2.30
CB DTR A 4 -2.42 4.62 -3.29
CG DTR A 4 -3.35 3.68 -4.01
CD1 DTR A 4 -4.27 2.89 -3.42
NE1 DTR A 4 -5.00 2.21 -4.38
CE2 DTR A 4 -4.61 2.57 -5.65
CZ2 DTR A 4 -5.06 2.23 -6.93
CH2 DTR A 4 -4.47 2.81 -8.06
CZ3 DTR A 4 -3.41 3.72 -7.89
CE3 DTR A 4 -2.96 4.06 -6.61
CD2 DTR A 4 -3.55 3.50 -5.45
C DTR A 4 -0.24 3.33 -2.99
O DTR A 4 0.85 3.89 -3.04
H DTR A 4 -2.35 2.14 -1.80
HA DTR A 4 -1.00 4.80 -1.68
HB2 DTR A 4 -3.04 5.32 -2.73
HB3 DTR A 4 -1.86 5.21 -4.01
HD1 DTR A 4 -4.46 2.83 -2.36
HE1 DTR A 4 -5.76 1.59 -4.14
HZ2 DTR A 4 -5.89 1.54 -7.05
HH2 DTR A 4 -4.83 2.58 -9.05
HZ3 DTR A 4 -2.96 4.19 -8.75
HE3 DTR A 4 -2.17 4.79 -6.50
N LYS A 5 -0.43 2.09 -3.44
CA LYS A 5 0.64 1.21 -3.94
C LYS A 5 1.80 1.02 -2.98
N THR A 6 1.62 1.38 -1.70
CA THR A 6 2.63 1.18 -0.69
C THR A 6 2.86 -0.30 -0.39
N CYS A 7 1.81 -1.14 -0.58
CA CYS A 7 1.75 -2.57 -0.29
C CYS A 7 2.73 -2.94 0.83
N THR A 8 2.37 -2.53 2.04
CA THR A 8 3.29 -2.60 3.17
C THR A 8 3.55 -4.04 3.65
CA CH4 B . 0.10 -5.23 3.65
CB1 CH4 B . -0.11 -5.87 5.02
NG1 CH4 B . -0.18 -4.84 6.09
CD1 CH4 B . 0.49 -5.31 7.31
CE1 CH4 B . 2.00 -5.34 7.13
NZ1 CH4 B . 2.58 -3.98 7.14
CB2 CH4 B . 0.28 -6.28 2.55
NG2 CH4 B . 0.90 -5.62 1.40
CD2 CH4 B . 0.30 -5.92 0.07
CE2 CH4 B . 0.44 -7.38 -0.34
NZ2 CH4 B . 1.73 -7.93 0.10
C CH4 B . -1.00 -4.25 3.27
O CH4 B . -1.85 -4.51 2.40
HA CH4 B . 1.04 -4.67 3.69
HB12 CH4 B . -1.03 -6.46 5.01
HB13 CH4 B . 0.73 -6.52 5.22
HG1 CH4 B . -1.15 -4.63 6.28
HD12 CH4 B . 0.14 -6.32 7.55
HD13 CH4 B . 0.24 -4.66 8.14
HE12 CH4 B . 2.24 -5.80 6.17
HE13 CH4 B . 2.46 -5.93 7.91
HZ11 CH4 B . 2.77 -3.70 8.09
HZ12 CH4 B . 3.45 -4.00 6.60
HB22 CH4 B . 0.93 -7.07 2.92
HB23 CH4 B . -0.69 -6.69 2.28
HG2 CH4 B . 1.92 -5.59 1.46
HD22 CH4 B . -0.76 -5.67 0.11
HD23 CH4 B . 0.77 -5.29 -0.67
HE22 CH4 B . 0.36 -7.44 -1.43
HE23 CH4 B . -0.37 -7.96 0.10
HZ21 CH4 B . 1.79 -7.82 1.10
HZ22 CH4 B . 1.78 -8.91 -0.13
N DPN A 1 -1.03 -3.26 3.87
CA DPN A 1 -1.87 -2.09 3.71
C DPN A 1 -1.62 -1.36 2.41
O DPN A 1 -1.01 -0.30 2.42
CB DPN A 1 -3.36 -2.43 3.87
CG DPN A 1 -3.72 -2.92 5.24
CD1 DPN A 1 -3.76 -2.02 6.31
CD2 DPN A 1 -4.05 -4.27 5.44
CE1 DPN A 1 -4.11 -2.46 7.60
CE2 DPN A 1 -4.41 -4.72 6.74
CZ DPN A 1 -4.45 -3.82 7.81
H DPN A 1 -0.31 -3.21 4.59
HA DPN A 1 -1.61 -1.39 4.50
HB2 DPN A 1 -3.93 -1.53 3.65
HB3 DPN A 1 -3.63 -3.18 3.12
HD1 DPN A 1 -3.50 -0.98 6.14
HD2 DPN A 1 -4.02 -4.97 4.62
HE1 DPN A 1 -4.14 -1.76 8.42
HE2 DPN A 1 -4.66 -5.76 6.89
HZ DPN A 1 -4.73 -4.15 8.80
N CYS A 2 -2.09 -1.89 1.28
CA CYS A 2 -1.78 -1.30 0.00
C CYS A 2 -2.71 -0.12 -0.30
N TYR A 3 -2.43 1.01 0.35
CA TYR A 3 -3.27 2.19 0.36
C TYR A 3 -2.45 3.33 -0.21
N DTR A 4 -2.03 3.10 -1.45
CA DTR A 4 -1.34 4.04 -2.30
CB DTR A 4 -2.33 4.70 -3.27
CG DTR A 4 -3.27 3.79 -4.00
CD1 DTR A 4 -4.23 3.02 -3.44
NE1 DTR A 4 -4.94 2.36 -4.40
CE2 DTR A 4 -4.53 2.71 -5.67
CZ2 DTR A 4 -4.99 2.38 -6.96
CH2 DTR A 4 -4.37 2.97 -8.07
CZ3 DTR A 4 -3.30 3.87 -7.89
CE3 DTR A 4 -2.85 4.19 -6.60
CD2 DTR A 4 -3.45 3.63 -5.45
C DTR A 4 -0.19 3.34 -3.01
O DTR A 4 0.91 3.88 -3.10
H DTR A 4 -2.37 2.22 -1.82
HA DTR A 4 -0.89 4.82 -1.67
HB2 DTR A 4 -2.94 5.41 -2.69
HB3 DTR A 4 -1.76 5.29 -3.99
HD1 DTR A 4 -4.43 2.95 -2.38
HE1 DTR A 4 -5.71 1.74 -4.19
HZ2 DTR A 4 -5.81 1.71 -7.08
HH2 DTR A 4 -4.74 2.74 -9.07
HZ3 DTR A 4 -2.84 4.33 -8.75
HE3 DTR A 4 -2.05 4.90 -6.48
N LYS A 5 -0.41 2.10 -3.44
CA LYS A 5 0.63 1.19 -3.94
C LYS A 5 1.80 1.01 -2.97
N THR A 6 1.61 1.36 -1.69
CA THR A 6 2.62 1.11 -0.66
C THR A 6 2.82 -0.39 -0.46
N CYS A 7 1.74 -1.17 -0.51
CA CYS A 7 1.68 -2.60 -0.21
C CYS A 7 2.68 -2.96 0.90
N THR A 8 2.38 -2.50 2.11
CA THR A 8 3.35 -2.48 3.19
C THR A 8 3.84 -3.87 3.57
CA CH4 B . -0.08 -5.48 3.56
CB1 CH4 B . -0.52 -6.17 4.87
NG1 CH4 B . -0.93 -5.30 6.00
CD1 CH4 B . 0.16 -4.72 6.81
CE1 CH4 B . 1.18 -5.78 7.23
NZ1 CH4 B . 2.46 -5.57 6.53
CB2 CH4 B . -0.07 -6.69 2.61
NG2 CH4 B . 0.29 -6.37 1.22
CD2 CH4 B . 1.74 -6.24 1.04
CE2 CH4 B . 2.19 -6.85 -0.28
NZ2 CH4 B . 2.08 -8.32 -0.20
C CH4 B . -1.02 -4.36 3.11
O CH4 B . -1.73 -4.50 2.11
HA CH4 B . 0.92 -5.06 3.67
HB12 CH4 B . -1.39 -6.80 4.63
HB13 CH4 B . 0.28 -6.83 5.20
HG1 CH4 B . -1.63 -4.62 5.74
HD12 CH4 B . -0.28 -4.30 7.71
HD13 CH4 B . 0.65 -3.92 6.27
HE12 CH4 B . 0.79 -6.77 6.99
HE13 CH4 B . 1.34 -5.70 8.30
HZ11 CH4 B . 3.12 -6.29 6.76
HZ12 CH4 B . 2.34 -5.56 5.52
HB22 CH4 B . 0.64 -7.42 2.99
HB23 CH4 B . -1.06 -7.13 2.61
HG2 CH4 B . -0.21 -5.54 0.92
HD22 CH4 B . 2.00 -5.18 1.07
HD23 CH4 B . 2.26 -6.73 1.86
HE22 CH4 B . 3.24 -6.58 -0.45
HE23 CH4 B . 1.59 -6.47 -1.09
HZ21 CH4 B . 1.11 -8.56 -0.04
HZ22 CH4 B . 2.42 -8.74 -1.05
N DPN A 1 -0.71 -3.32 3.76
CA DPN A 1 -1.70 -2.37 3.27
C DPN A 1 -1.28 -1.81 1.93
O DPN A 1 -0.20 -1.28 1.80
CB DPN A 1 -3.11 -2.95 3.33
CG DPN A 1 -3.42 -3.68 4.62
CD1 DPN A 1 -3.71 -5.05 4.60
CD2 DPN A 1 -3.34 -2.98 5.84
CE1 DPN A 1 -3.95 -5.73 5.80
CE2 DPN A 1 -3.58 -3.66 7.05
CZ DPN A 1 -3.90 -5.04 7.03
H DPN A 1 -0.04 -3.00 4.46
HA DPN A 1 -1.68 -1.51 3.92
HB2 DPN A 1 -3.83 -2.13 3.21
HB3 DPN A 1 -3.26 -3.64 2.49
HD1 DPN A 1 -3.70 -5.58 3.66
HD2 DPN A 1 -3.06 -1.94 5.85
HE1 DPN A 1 -4.16 -6.79 5.79
HE2 DPN A 1 -3.52 -3.14 7.99
HZ DPN A 1 -4.07 -5.57 7.96
N CYS A 2 -2.16 -1.83 0.92
CA CYS A 2 -1.86 -1.24 -0.37
C CYS A 2 -2.42 0.18 -0.46
N TYR A 3 -2.24 0.97 0.61
CA TYR A 3 -2.77 2.32 0.62
C TYR A 3 -1.80 3.17 -0.20
N DTR A 4 -2.19 3.41 -1.44
CA DTR A 4 -1.38 4.19 -2.38
CB DTR A 4 -2.30 4.94 -3.36
CG DTR A 4 -3.34 4.15 -4.09
CD1 DTR A 4 -4.43 3.57 -3.54
NE1 DTR A 4 -5.22 3.01 -4.52
CE2 DTR A 4 -4.69 3.25 -5.78
CZ2 DTR A 4 -5.14 2.93 -7.07
CH2 DTR A 4 -4.33 3.29 -8.17
CZ3 DTR A 4 -3.11 3.94 -7.96
CE3 DTR A 4 -2.69 4.27 -6.65
CD2 DTR A 4 -3.48 3.94 -5.53
C DTR A 4 -0.39 3.28 -3.09
O DTR A 4 0.70 3.72 -3.47
H DTR A 4 -2.94 2.84 -1.78
HA DTR A 4 -0.79 4.91 -1.82
HB2 DTR A 4 -2.81 5.72 -2.79
HB3 DTR A 4 -1.66 5.45 -4.09
HD1 DTR A 4 -4.67 3.56 -2.49
HE1 DTR A 4 -6.10 2.56 -4.34
HZ2 DTR A 4 -6.09 2.43 -7.23
HH2 DTR A 4 -4.66 3.06 -9.18
HZ3 DTR A 4 -2.48 4.20 -8.79
HE3 DTR A 4 -1.76 4.81 -6.51
N LYS A 5 -0.72 2.00 -3.21
CA LYS A 5 0.16 0.94 -3.66
C LYS A 5 1.44 0.83 -2.83
N THR A 6 1.43 1.32 -1.59
CA THR A 6 2.54 1.13 -0.67
C THR A 6 2.81 -0.38 -0.49
N CYS A 7 1.73 -1.15 -0.34
CA CYS A 7 1.68 -2.59 -0.16
C CYS A 7 2.73 -3.03 0.84
N THR A 8 2.56 -2.53 2.07
CA THR A 8 3.55 -2.55 3.11
C THR A 8 2.91 -3.13 4.36
CA CH4 B . 0.39 -5.47 4.13
CB1 CH4 B . -0.23 -6.17 5.34
NG1 CH4 B . -0.77 -5.26 6.38
CD1 CH4 B . 0.11 -4.13 6.75
CE1 CH4 B . 1.14 -4.50 7.81
NZ1 CH4 B . 2.14 -5.40 7.23
CB2 CH4 B . 0.97 -6.59 3.27
NG2 CH4 B . 1.46 -6.08 1.98
CD2 CH4 B . 2.34 -7.07 1.34
CE2 CH4 B . 3.62 -7.25 2.16
NZ2 CH4 B . 4.15 -5.93 2.57
C CH4 B . -0.59 -4.59 3.36
O CH4 B . -1.22 -5.04 2.40
HA CH4 B . 1.21 -4.84 4.47
HB12 CH4 B . -1.05 -6.80 4.99
HB13 CH4 B . 0.51 -6.83 5.78
HG1 CH4 B . -1.66 -4.89 6.06
HD12 CH4 B . -0.52 -3.32 7.13
HD13 CH4 B . 0.63 -3.78 5.88
HE12 CH4 B . 0.64 -4.98 8.65
HE13 CH4 B . 1.63 -3.59 8.14
HZ11 CH4 B . 2.57 -4.94 6.42
HZ12 CH4 B . 1.66 -6.21 6.87
HB22 CH4 B . 1.78 -7.08 3.81
HB23 CH4 B . 0.19 -7.32 3.08
HG2 CH4 B . 0.66 -5.88 1.39
HD22 CH4 B . 1.83 -8.03 1.27
HD23 CH4 B . 2.61 -6.73 0.35
HE22 CH4 B . 4.36 -7.79 1.57
HE23 CH4 B . 3.40 -7.84 3.05
HZ21 CH4 B . 3.57 -5.54 3.30
HZ22 CH4 B . 4.10 -5.30 1.79
N DPN A 1 -0.80 -3.38 3.74
CA DPN A 1 -1.76 -2.38 3.33
C DPN A 1 -1.35 -1.81 1.98
O DPN A 1 -0.19 -1.46 1.84
CB DPN A 1 -3.20 -2.91 3.36
CG DPN A 1 -3.56 -3.68 4.61
CD1 DPN A 1 -3.69 -3.02 5.85
CD2 DPN A 1 -3.74 -5.08 4.55
CE1 DPN A 1 -3.98 -3.74 7.01
CE2 DPN A 1 -4.04 -5.81 5.71
CZ DPN A 1 -4.16 -5.13 6.95
H DPN A 1 -0.14 -3.17 4.49
HA DPN A 1 -1.72 -1.54 4.01
HB2 DPN A 1 -3.88 -2.05 3.27
HB3 DPN A 1 -3.36 -3.54 2.49
HD1 DPN A 1 -3.53 -1.94 5.89
HD2 DPN A 1 -3.62 -5.59 3.61
HE1 DPN A 1 -4.07 -3.23 7.96
HE2 DPN A 1 -4.16 -6.88 5.66
HZ DPN A 1 -4.39 -5.70 7.85
N CYS A 2 -2.25 -1.66 1.02
CA CYS A 2 -1.89 -1.18 -0.30
C CYS A 2 -2.46 0.22 -0.54
N TYR A 3 -2.36 1.07 0.49
CA TYR A 3 -2.99 2.38 0.48
C TYR A 3 -2.04 3.35 -0.20
N DTR A 4 -2.18 3.41 -1.52
CA DTR A 4 -1.33 4.19 -2.41
CB DTR A 4 -2.19 4.96 -3.41
CG DTR A 4 -3.27 4.19 -4.15
CD1 DTR A 4 -4.35 3.63 -3.58
NE1 DTR A 4 -5.15 3.07 -4.55
CE2 DTR A 4 -4.64 3.28 -5.81
CZ2 DTR A 4 -5.11 2.96 -7.10
CH2 DTR A 4 -4.34 3.33 -8.21
CZ3 DTR A 4 -3.13 4.00 -8.03
CE3 DTR A 4 -2.67 4.32 -6.73
CD2 DTR A 4 -3.43 3.97 -5.58
C DTR A 4 -0.31 3.29 -3.09
O DTR A 4 0.80 3.71 -3.39
H DTR A 4 -2.86 2.78 -1.92
HA DTR A 4 -0.76 4.91 -1.81
HB2 DTR A 4 -2.68 5.77 -2.89
HB3 DTR A 4 -1.53 5.42 -4.15
HD1 DTR A 4 -4.56 3.63 -2.53
HE1 DTR A 4 -6.05 2.63 -4.33
HZ2 DTR A 4 -6.06 2.45 -7.23
HH2 DTR A 4 -4.69 3.12 -9.21
HZ3 DTR A 4 -2.52 4.28 -8.88
HE3 DTR A 4 -1.75 4.86 -6.61
N LYS A 5 -0.66 2.01 -3.28
CA LYS A 5 0.24 0.95 -3.72
C LYS A 5 1.45 0.76 -2.82
N THR A 6 1.39 1.26 -1.59
CA THR A 6 2.47 1.11 -0.61
C THR A 6 2.77 -0.36 -0.31
N CYS A 7 1.74 -1.20 -0.39
CA CYS A 7 1.69 -2.63 -0.09
C CYS A 7 2.76 -3.01 0.92
N THR A 8 2.60 -2.52 2.15
CA THR A 8 3.70 -2.52 3.12
C THR A 8 3.51 -3.56 4.22
CA CH4 B . 0.11 -5.60 4.07
CB1 CH4 B . -0.45 -5.93 5.46
NG1 CH4 B . -0.91 -4.74 6.22
CD1 CH4 B . 0.01 -4.34 7.29
CE1 CH4 B . 1.33 -3.90 6.69
NZ1 CH4 B . 2.29 -3.43 7.70
CB2 CH4 B . 0.30 -6.95 3.36
NG2 CH4 B . 0.74 -6.76 1.97
CD2 CH4 B . 1.19 -8.00 1.28
CE2 CH4 B . 0.13 -9.10 1.28
NZ2 CH4 B . 0.15 -9.83 2.56
C CH4 B . -0.77 -4.63 3.28
O CH4 B . -1.42 -5.00 2.31
HA CH4 B . 1.10 -5.14 4.19
HB12 CH4 B . -1.30 -6.60 5.35
HB13 CH4 B . 0.32 -6.44 6.05
HG1 CH4 B . -1.84 -4.90 6.58
HD12 CH4 B . 0.17 -5.18 7.97
HD13 CH4 B . -0.42 -3.51 7.84
HE12 CH4 B . 1.15 -3.08 5.98
HE13 CH4 B . 1.78 -4.73 6.13
HZ11 CH4 B . 2.54 -4.20 8.29
HZ12 CH4 B . 3.12 -3.15 7.19
HB22 CH4 B . 1.04 -7.52 3.90
HB23 CH4 B . -0.66 -7.46 3.36
HG2 CH4 B . 0.00 -6.30 1.44
HD22 CH4 B . 1.42 -7.73 0.24
HD23 CH4 B . 2.10 -8.36 1.76
HE22 CH4 B . 0.36 -9.81 0.48
HE23 CH4 B . -0.84 -8.66 1.11
HZ21 CH4 B . 0.10 -9.16 3.32
HZ22 CH4 B . -0.63 -10.47 2.60
N DPN A 1 -0.64 -3.31 4.01
CA DPN A 1 -1.60 -2.29 3.60
C DPN A 1 -1.31 -1.83 2.18
O DPN A 1 -0.14 -1.68 1.84
CB DPN A 1 -3.05 -2.75 3.85
CG DPN A 1 -3.53 -4.02 3.17
CD1 DPN A 1 -3.36 -5.26 3.80
CD2 DPN A 1 -4.13 -3.98 1.89
CE1 DPN A 1 -3.73 -6.46 3.15
CE2 DPN A 1 -4.49 -5.18 1.24
CZ DPN A 1 -4.28 -6.42 1.86
H DPN A 1 -0.03 -3.10 4.79
HA DPN A 1 -1.43 -1.42 4.23
HB2 DPN A 1 -3.12 -2.90 4.93
HB3 DPN A 1 -3.71 -1.92 3.60
HD1 DPN A 1 -2.91 -5.31 4.79
HD2 DPN A 1 -4.32 -3.05 1.39
HE1 DPN A 1 -3.55 -7.40 3.64
HE2 DPN A 1 -4.92 -5.14 0.24
HZ DPN A 1 -4.54 -7.33 1.35
N CYS A 2 -2.28 -1.49 1.33
CA CYS A 2 -1.95 -1.05 -0.01
C CYS A 2 -2.86 0.12 -0.40
N TYR A 3 -2.66 1.22 0.32
CA TYR A 3 -3.44 2.42 0.25
C TYR A 3 -2.55 3.49 -0.38
N DTR A 4 -2.10 3.16 -1.58
CA DTR A 4 -1.36 4.06 -2.44
CB DTR A 4 -2.32 4.70 -3.46
CG DTR A 4 -3.28 3.81 -4.19
CD1 DTR A 4 -4.25 3.04 -3.62
NE1 DTR A 4 -4.99 2.43 -4.60
CE2 DTR A 4 -4.59 2.81 -5.86
CZ2 DTR A 4 -5.08 2.55 -7.15
CH2 DTR A 4 -4.44 3.13 -8.25
CZ3 DTR A 4 -3.29 3.92 -8.06
CE3 DTR A 4 -2.80 4.18 -6.76
CD2 DTR A 4 -3.45 3.65 -5.62
C DTR A 4 -0.20 3.33 -3.11
O DTR A 4 0.89 3.88 -3.20
H DTR A 4 -2.47 2.30 -1.94
HA DTR A 4 -0.92 4.85 -1.83
HB2 DTR A 4 -2.91 5.44 -2.92
HB3 DTR A 4 -1.72 5.26 -4.18
HD1 DTR A 4 -4.45 2.97 -2.57
HE1 DTR A 4 -5.78 1.83 -4.39
HZ2 DTR A 4 -5.96 1.94 -7.28
HH2 DTR A 4 -4.84 2.98 -9.25
HZ3 DTR A 4 -2.77 4.35 -8.90
HE3 DTR A 4 -1.95 4.81 -6.63
N LYS A 5 -0.40 2.07 -3.50
CA LYS A 5 0.66 1.16 -3.91
C LYS A 5 1.76 1.00 -2.87
N THR A 6 1.50 1.34 -1.61
CA THR A 6 2.46 1.14 -0.54
C THR A 6 2.74 -0.35 -0.29
N CYS A 7 1.71 -1.21 -0.35
CA CYS A 7 1.74 -2.65 -0.15
C CYS A 7 2.82 -3.04 0.88
N THR A 8 2.52 -2.72 2.14
CA THR A 8 3.48 -2.68 3.25
C THR A 8 3.89 -4.07 3.76
CA CH4 B . 0.51 -5.46 4.03
CB1 CH4 B . -0.18 -6.15 5.22
NG1 CH4 B . -0.77 -5.24 6.23
CD1 CH4 B . 0.15 -4.86 7.31
CE1 CH4 B . 0.10 -5.90 8.41
NZ1 CH4 B . 0.65 -5.37 9.68
CB2 CH4 B . 0.82 -6.62 3.08
NG2 CH4 B . 1.58 -6.20 1.89
CD2 CH4 B . 1.73 -7.26 0.87
CE2 CH4 B . 0.38 -7.84 0.44
NZ2 CH4 B . -0.01 -8.96 1.32
C CH4 B . -0.37 -4.42 3.32
O CH4 B . -0.87 -4.64 2.22
HA CH4 B . 1.44 -4.99 4.35
HB12 CH4 B . -0.99 -6.76 4.82
HB13 CH4 B . 0.53 -6.81 5.72
HG1 CH4 B . -1.19 -4.43 5.80
HD12 CH4 B . -0.17 -3.90 7.72
HD13 CH4 B . 1.17 -4.75 6.92
HE12 CH4 B . 0.66 -6.79 8.11
HE13 CH4 B . -0.94 -6.18 8.58
HZ11 CH4 B . 0.32 -5.92 10.45
HZ12 CH4 B . 1.66 -5.41 9.65
HB22 CH4 B . 1.39 -7.38 3.62
HB23 CH4 B . -0.14 -7.02 2.76
HG2 CH4 B . 2.50 -5.84 2.16
HD22 CH4 B . 2.20 -6.80 0.00
HD23 CH4 B . 2.37 -8.05 1.24
HE22 CH4 B . 0.47 -8.21 -0.58
HE23 CH4 B . -0.38 -7.05 0.48
HZ21 CH4 B . 0.01 -8.64 2.27
HZ22 CH4 B . -0.94 -9.28 1.07
N DPN A 1 -0.70 -3.35 4.18
CA DPN A 1 -1.60 -2.30 3.70
C DPN A 1 -1.28 -1.89 2.28
O DPN A 1 -0.13 -1.58 1.99
CB DPN A 1 -3.08 -2.69 3.89
CG DPN A 1 -3.39 -3.36 5.21
CD1 DPN A 1 -3.71 -4.72 5.23
CD2 DPN A 1 -3.31 -2.63 6.41
CE1 DPN A 1 -3.95 -5.37 6.46
CE2 DPN A 1 -3.55 -3.27 7.64
CZ DPN A 1 -3.87 -4.64 7.66
H DPN A 1 0.00 -3.13 4.88
HA DPN A 1 -1.43 -1.42 4.30
HB2 DPN A 1 -3.67 -1.78 3.80
HB3 DPN A 1 -3.36 -3.37 3.08
HD1 DPN A 1 -3.73 -5.28 4.31
HD2 DPN A 1 -3.05 -1.58 6.39
HE1 DPN A 1 -4.17 -6.43 6.48
HE2 DPN A 1 -3.48 -2.71 8.57
HZ DPN A 1 -4.03 -5.15 8.61
N CYS A 2 -2.27 -1.74 1.39
CA CYS A 2 -2.06 -1.34 0.01
C CYS A 2 -2.87 -0.07 -0.27
N TYR A 3 -2.52 1.03 0.38
CA TYR A 3 -3.24 2.29 0.30
C TYR A 3 -2.29 3.33 -0.30
N DTR A 4 -2.10 3.20 -1.60
CA DTR A 4 -1.34 4.11 -2.44
CB DTR A 4 -2.27 4.78 -3.45
CG DTR A 4 -3.20 3.88 -4.23
CD1 DTR A 4 -4.22 3.15 -3.69
NE1 DTR A 4 -4.89 2.48 -4.68
CE2 DTR A 4 -4.40 2.79 -5.93
CZ2 DTR A 4 -4.79 2.42 -7.23
CH2 DTR A 4 -4.09 2.96 -8.32
CZ3 DTR A 4 -3.01 3.83 -8.10
CE3 DTR A 4 -2.62 4.18 -6.79
CD2 DTR A 4 -3.31 3.67 -5.68
C DTR A 4 -0.19 3.37 -3.12
O DTR A 4 0.90 3.92 -3.28
H DTR A 4 -2.63 2.48 -2.04
HA DTR A 4 -0.88 4.88 -1.82
HB2 DTR A 4 -2.89 5.51 -2.92
HB3 DTR A 4 -1.66 5.35 -4.17
HD1 DTR A 4 -4.47 3.11 -2.64
HE1 DTR A 4 -5.69 1.88 -4.50
HZ2 DTR A 4 -5.64 1.77 -7.38
HH2 DTR A 4 -4.40 2.72 -9.33
HZ3 DTR A 4 -2.48 4.24 -8.95
HE3 DTR A 4 -1.80 4.86 -6.65
N LYS A 5 -0.41 2.10 -3.45
CA LYS A 5 0.62 1.15 -3.89
C LYS A 5 1.80 1.06 -2.91
N THR A 6 1.59 1.44 -1.65
CA THR A 6 2.58 1.18 -0.62
C THR A 6 2.82 -0.32 -0.50
N CYS A 7 1.72 -1.09 -0.46
CA CYS A 7 1.71 -2.53 -0.20
C CYS A 7 2.80 -2.91 0.78
N THR A 8 2.65 -2.40 2.00
CA THR A 8 3.56 -2.69 3.10
C THR A 8 2.94 -3.86 3.86
CA CH4 B . 0.00 -5.65 4.65
CB1 CH4 B . -0.58 -5.90 6.05
NG1 CH4 B . -0.69 -4.72 6.91
CD1 CH4 B . 0.60 -4.06 7.17
CE1 CH4 B . 0.42 -2.87 8.12
NZ1 CH4 B . -0.18 -3.31 9.39
CB2 CH4 B . -0.06 -7.05 4.02
NG2 CH4 B . 0.86 -7.21 2.89
CD2 CH4 B . 0.15 -7.54 1.64
CE2 CH4 B . -0.31 -9.00 1.61
NZ2 CH4 B . -1.39 -9.24 2.57
C CH4 B . -0.79 -4.63 3.81
O CH4 B . -1.52 -5.00 2.90
HA CH4 B . 1.04 -5.33 4.74
HB12 CH4 B . -1.56 -6.35 5.94
HB13 CH4 B . 0.06 -6.63 6.56
HG1 CH4 B . -1.38 -4.07 6.53
HD12 CH4 B . 1.03 -3.72 6.24
HD13 CH4 B . 1.29 -4.79 7.61
HE12 CH4 B . -0.21 -2.12 7.65
HE13 CH4 B . 1.41 -2.44 8.32
HZ11 CH4 B . 0.34 -4.09 9.76
HZ12 CH4 B . -0.19 -2.55 10.05
HB22 CH4 B . 0.19 -7.78 4.79
HB23 CH4 B . -1.08 -7.18 3.69
HG2 CH4 B . 1.41 -6.35 2.78
HD22 CH4 B . -0.72 -6.87 1.52
HD23 CH4 B . 0.82 -7.37 0.80
HE22 CH4 B . 0.55 -9.63 1.86
HE23 CH4 B . -0.66 -9.25 0.61
HZ21 CH4 B . -1.59 -10.23 2.63
HZ22 CH4 B . -1.09 -8.91 3.48
N DPN A 1 -0.80 -3.58 3.92
CA DPN A 1 -1.66 -2.45 3.59
C DPN A 1 -1.34 -1.90 2.21
O DPN A 1 -0.19 -1.59 1.96
CB DPN A 1 -3.15 -2.75 3.79
CG DPN A 1 -3.48 -3.46 5.09
CD1 DPN A 1 -3.26 -2.83 6.33
CD2 DPN A 1 -3.95 -4.78 5.06
CE1 DPN A 1 -3.50 -3.53 7.53
CE2 DPN A 1 -4.18 -5.49 6.25
CZ DPN A 1 -3.95 -4.86 7.48
H DPN A 1 0.08 -3.40 4.37
HA DPN A 1 -1.40 -1.64 4.27
HB2 DPN A 1 -3.68 -1.80 3.77
HB3 DPN A 1 -3.50 -3.35 2.96
HD1 DPN A 1 -2.88 -1.82 6.35
HD2 DPN A 1 -4.10 -5.27 4.10
HE1 DPN A 1 -3.32 -3.05 8.48
HE2 DPN A 1 -4.51 -6.51 6.21
HZ DPN A 1 -4.12 -5.40 8.41
N CYS A 2 -2.32 -1.69 1.34
CA CYS A 2 -2.07 -1.28 -0.03
C CYS A 2 -2.82 0.02 -0.31
N TYR A 3 -2.49 1.09 0.41
CA TYR A 3 -3.19 2.35 0.36
C TYR A 3 -2.25 3.39 -0.23
N DTR A 4 -2.07 3.26 -1.54
CA DTR A 4 -1.27 4.15 -2.37
CB DTR A 4 -2.18 4.88 -3.37
CG DTR A 4 -3.18 4.05 -4.14
CD1 DTR A 4 -4.21 3.37 -3.59
NE1 DTR A 4 -4.97 2.78 -4.58
CE2 DTR A 4 -4.50 3.10 -5.83
CZ2 DTR A 4 -4.95 2.82 -7.13
CH2 DTR A 4 -4.24 3.32 -8.23
CZ3 DTR A 4 -3.08 4.07 -8.02
CE3 DTR A 4 -2.63 4.36 -6.72
CD2 DTR A 4 -3.32 3.88 -5.58
C DTR A 4 -0.16 3.36 -3.08
O DTR A 4 0.95 3.86 -3.24
H DTR A 4 -2.62 2.55 -1.98
HA DTR A 4 -0.78 4.89 -1.75
HB2 DTR A 4 -2.74 5.63 -2.81
HB3 DTR A 4 -1.55 5.41 -4.08
HD1 DTR A 4 -4.43 3.31 -2.54
HE1 DTR A 4 -5.83 2.28 -4.38
HZ2 DTR A 4 -5.87 2.26 -7.27
HH2 DTR A 4 -4.59 3.13 -9.24
HZ3 DTR A 4 -2.52 4.46 -8.86
HE3 DTR A 4 -1.75 4.97 -6.58
N LYS A 5 -0.43 2.11 -3.42
CA LYS A 5 0.55 1.13 -3.89
C LYS A 5 1.72 0.96 -2.93
N THR A 6 1.56 1.35 -1.67
CA THR A 6 2.57 1.08 -0.65
C THR A 6 2.77 -0.44 -0.52
N CYS A 7 1.67 -1.20 -0.44
CA CYS A 7 1.65 -2.62 -0.14
C CYS A 7 2.74 -2.95 0.85
N THR A 8 2.64 -2.35 2.04
CA THR A 8 3.67 -2.45 3.06
C THR A 8 3.24 -3.53 4.04
CA CH4 B . -0.10 -5.88 4.30
CB1 CH4 B . -0.52 -6.22 5.74
NG1 CH4 B . -0.71 -5.04 6.61
CD1 CH4 B . 0.52 -4.29 6.90
CE1 CH4 B . 1.52 -5.13 7.69
NZ1 CH4 B . 0.83 -5.83 8.79
CB2 CH4 B . -0.05 -7.23 3.55
NG2 CH4 B . 0.11 -7.06 2.10
CD2 CH4 B . 1.42 -7.51 1.62
CE2 CH4 B . 2.43 -6.37 1.78
NZ2 CH4 B . 3.60 -6.56 0.91
C CH4 B . -1.03 -4.86 3.61
O CH4 B . -1.95 -5.23 2.89
HA CH4 B . 0.90 -5.46 4.31
HB12 CH4 B . -1.47 -6.75 5.69
HB13 CH4 B . 0.23 -6.87 6.18
HG1 CH4 B . -1.42 -4.43 6.22
HD12 CH4 B . 0.27 -3.40 7.49
HD13 CH4 B . 0.99 -3.97 5.97
HE12 CH4 B . 2.31 -4.50 8.08
HE13 CH4 B . 1.97 -5.86 7.01
HZ11 CH4 B . -0.02 -6.22 8.40
HZ12 CH4 B . 1.42 -6.57 9.13
HB22 CH4 B . 0.77 -7.83 3.97
HB23 CH4 B . -0.99 -7.75 3.74
HG2 CH4 B . -0.64 -7.54 1.62
HD22 CH4 B . 1.75 -8.39 2.16
HD23 CH4 B . 1.35 -7.75 0.56
HE22 CH4 B . 2.75 -6.29 2.82
HE23 CH4 B . 1.94 -5.44 1.51
HZ21 CH4 B . 4.06 -5.66 0.79
HZ22 CH4 B . 4.24 -7.21 1.33
N DPN A 1 -0.91 -2.93 3.39
CA DPN A 1 -1.86 -1.82 3.30
C DPN A 1 -2.39 -1.52 1.90
O DPN A 1 -3.52 -1.11 1.71
CB DPN A 1 -3.01 -2.00 4.27
CG DPN A 1 -3.88 -3.22 4.06
CD1 DPN A 1 -3.52 -4.44 4.66
CD2 DPN A 1 -5.02 -3.17 3.25
CE1 DPN A 1 -4.27 -5.61 4.42
CE2 DPN A 1 -5.78 -4.32 3.00
CZ DPN A 1 -5.40 -5.55 3.59
H DPN A 1 -0.14 -2.84 4.04
HA DPN A 1 -1.31 -0.93 3.62
HB2 DPN A 1 -2.59 -2.00 5.27
HB3 DPN A 1 -3.61 -1.09 4.15
HD1 DPN A 1 -2.64 -4.49 5.27
HD2 DPN A 1 -5.31 -2.23 2.78
HE1 DPN A 1 -3.98 -6.55 4.85
HE2 DPN A 1 -6.65 -4.28 2.35
HZ DPN A 1 -5.98 -6.44 3.39
N CYS A 2 -1.49 -1.61 0.93
CA CYS A 2 -1.69 -1.18 -0.43
C CYS A 2 -2.42 0.17 -0.55
N TYR A 3 -2.28 1.03 0.46
CA TYR A 3 -3.03 2.26 0.59
C TYR A 3 -2.23 3.35 -0.09
N DTR A 4 -2.23 3.26 -1.40
CA DTR A 4 -1.48 4.07 -2.34
CB DTR A 4 -2.45 4.70 -3.35
CG DTR A 4 -3.51 3.81 -3.97
CD1 DTR A 4 -4.49 3.16 -3.30
NE1 DTR A 4 -5.31 2.50 -4.17
CE2 DTR A 4 -4.95 2.74 -5.48
CZ2 DTR A 4 -5.51 2.35 -6.70
CH2 DTR A 4 -4.91 2.79 -7.90
CZ3 DTR A 4 -3.76 3.61 -7.83
CE3 DTR A 4 -3.21 3.99 -6.60
CD2 DTR A 4 -3.80 3.57 -5.38
C DTR A 4 -0.39 3.22 -2.99
O DTR A 4 0.71 3.69 -3.20
H DTR A 4 -2.80 2.51 -1.78
HA DTR A 4 -0.96 4.86 -1.79
HB2 DTR A 4 -2.96 5.52 -2.84
HB3 DTR A 4 -1.86 5.15 -4.15
HD1 DTR A 4 -4.63 3.18 -2.23
HE1 DTR A 4 -6.11 1.95 -3.87
HZ2 DTR A 4 -6.40 1.74 -6.73
HH2 DTR A 4 -5.34 2.53 -8.85
HZ3 DTR A 4 -3.30 3.95 -8.75
HE3 DTR A 4 -2.35 4.63 -6.57
N LYS A 5 -0.67 1.93 -3.23
CA LYS A 5 0.28 0.94 -3.71
C LYS A 5 1.48 0.71 -2.79
N THR A 6 1.43 1.22 -1.55
CA THR A 6 2.51 1.05 -0.57
C THR A 6 2.81 -0.40 -0.25
N CYS A 7 1.79 -1.26 -0.32
CA CYS A 7 1.74 -2.68 -0.01
C CYS A 7 2.81 -3.05 1.01
N THR A 8 2.59 -2.55 2.22
CA THR A 8 3.56 -2.51 3.29
C THR A 8 4.01 -3.91 3.71
CA CH4 B . 0.01 -5.19 3.11
CB1 CH4 B . -0.12 -5.68 4.56
NG1 CH4 B . 0.05 -4.59 5.54
CD1 CH4 B . 0.59 -4.92 6.87
CE1 CH4 B . 1.93 -5.64 6.79
NZ1 CH4 B . 1.75 -7.09 6.93
CB2 CH4 B . -0.14 -6.39 2.17
NG2 CH4 B . 0.13 -6.02 0.77
CD2 CH4 B . -0.40 -7.04 -0.14
CE2 CH4 B . -1.92 -6.93 -0.20
NZ2 CH4 B . -2.56 -8.19 0.19
C CH4 B . -1.02 -4.10 2.75
O CH4 B . -1.85 -4.30 1.88
HA CH4 B . 1.02 -4.78 2.99
HB12 CH4 B . -1.09 -6.16 4.71
HB13 CH4 B . 0.68 -6.41 4.71
HG1 CH4 B . -0.79 -4.04 5.64
HD12 CH4 B . -0.12 -5.51 7.44
HD13 CH4 B . 0.76 -3.98 7.40
HE12 CH4 B . 2.59 -5.27 7.57
HE13 CH4 B . 2.39 -5.43 5.82
HZ11 CH4 B . 1.17 -7.43 6.18
HZ12 CH4 B . 2.66 -7.54 6.88
HB22 CH4 B . 0.55 -7.17 2.48
HB23 CH4 B . -1.17 -6.77 2.25
HG2 CH4 B . -0.37 -5.16 0.58
HD22 CH4 B . 0.01 -6.87 -1.13
HD23 CH4 B . -0.10 -8.03 0.21
HE22 CH4 B . -2.22 -6.66 -1.22
HE23 CH4 B . -2.24 -6.13 0.48
HZ21 CH4 B . -3.53 -8.02 0.44
HZ22 CH4 B . -2.51 -8.85 -0.56
N DPN A 1 -1.34 -2.30 4.62
CA DPN A 1 -2.12 -2.64 3.44
C DPN A 1 -1.62 -1.82 2.25
O DPN A 1 -0.76 -0.94 2.40
CB DPN A 1 -2.07 -4.15 3.13
CG DPN A 1 -1.36 -5.03 4.13
CD1 DPN A 1 -2.08 -5.88 4.99
CD2 DPN A 1 0.04 -4.99 4.20
CE1 DPN A 1 -1.40 -6.69 5.91
CE2 DPN A 1 0.72 -5.80 5.13
CZ DPN A 1 0.01 -6.65 5.98
H DPN A 1 -0.39 -1.96 4.49
HA DPN A 1 -3.16 -2.36 3.64
HB2 DPN A 1 -3.10 -4.51 3.02
HB3 DPN A 1 -1.57 -4.32 2.17
HD1 DPN A 1 -3.16 -5.90 4.95
HD2 DPN A 1 0.60 -4.34 3.54
HE1 DPN A 1 -1.95 -7.35 6.56
HE2 DPN A 1 1.79 -5.76 5.16
HZ DPN A 1 0.54 -7.28 6.68
N CYS A 2 -2.16 -2.07 1.05
CA CYS A 2 -1.67 -1.42 -0.17
C CYS A 2 -2.39 -0.08 -0.38
N TYR A 3 -2.18 0.86 0.53
CA TYR A 3 -2.94 2.10 0.57
C TYR A 3 -2.10 3.19 -0.07
N DTR A 4 -2.12 3.18 -1.40
CA DTR A 4 -1.38 4.12 -2.25
CB DTR A 4 -2.33 4.90 -3.15
CG DTR A 4 -3.32 4.11 -3.96
CD1 DTR A 4 -4.33 3.37 -3.45
NE1 DTR A 4 -5.08 2.83 -4.48
CE2 DTR A 4 -4.61 3.24 -5.71
CZ2 DTR A 4 -5.06 3.00 -7.01
CH2 DTR A 4 -4.36 3.57 -8.09
CZ3 DTR A 4 -3.21 4.34 -7.84
CE3 DTR A 4 -2.78 4.58 -6.51
CD2 DTR A 4 -3.47 4.03 -5.42
C DTR A 4 -0.30 3.38 -3.04
O DTR A 4 0.76 3.93 -3.31
H DTR A 4 -2.71 2.48 -1.83
HA DTR A 4 -0.86 4.83 -1.60
HB2 DTR A 4 -2.90 5.60 -2.53
HB3 DTR A 4 -1.73 5.51 -3.83
HD1 DTR A 4 -4.54 3.25 -2.40
HE1 DTR A 4 -5.91 2.29 -4.31
HZ2 DTR A 4 -5.95 2.41 -7.19
HH2 DTR A 4 -4.69 3.42 -9.10
HZ3 DTR A 4 -2.67 4.79 -8.66
HE3 DTR A 4 -1.91 5.20 -6.34
N LYS A 5 -0.55 2.10 -3.36
CA LYS A 5 0.43 1.18 -3.95
C LYS A 5 1.65 1.00 -3.04
N THR A 6 1.54 1.37 -1.77
CA THR A 6 2.60 1.20 -0.81
C THR A 6 2.90 -0.28 -0.58
N CYS A 7 1.85 -1.12 -0.63
CA CYS A 7 1.83 -2.53 -0.26
C CYS A 7 2.84 -2.81 0.84
N THR A 8 2.50 -2.34 2.05
CA THR A 8 3.34 -2.51 3.22
C THR A 8 3.35 -3.95 3.71
CA CH4 B . -0.91 -2.00 7.01
CB1 CH4 B . -1.15 -0.54 7.40
NG1 CH4 B . -1.14 0.40 6.26
CD1 CH4 B . 0.22 0.86 5.93
CE1 CH4 B . 0.45 2.25 6.51
NZ1 CH4 B . 0.16 2.24 7.94
CB2 CH4 B . -1.18 -2.77 8.32
NG2 CH4 B . -1.11 -4.25 8.18
CD2 CH4 B . 0.17 -4.81 8.61
CE2 CH4 B . 0.42 -4.58 10.09
NZ2 CH4 B . -0.75 -5.01 10.87
C CH4 B . -1.82 -2.43 5.87
O CH4 B . -2.95 -2.85 6.09
HA CH4 B . 0.13 -2.14 6.72
HB12 CH4 B . -2.14 -0.48 7.87
HB13 CH4 B . -0.40 -0.24 8.13
HG1 CH4 B . -1.57 -0.02 5.44
HD12 CH4 B . 0.33 0.92 4.84
HD13 CH4 B . 0.96 0.15 6.31
HE12 CH4 B . -0.22 2.95 6.01
HE13 CH4 B . 1.48 2.56 6.34
HZ11 CH4 B . 0.83 1.64 8.41
HZ12 CH4 B . -0.76 1.82 8.06
HB22 CH4 B . -0.48 -2.45 9.08
HB23 CH4 B . -2.19 -2.52 8.65
HG2 CH4 B . -1.34 -4.52 7.22
HD22 CH4 B . 0.15 -5.89 8.43
HD23 CH4 B . 0.99 -4.39 8.02
HE22 CH4 B . 0.59 -3.52 10.27
HE23 CH4 B . 1.30 -5.15 10.41
HZ21 CH4 B . -0.64 -4.77 11.84
HZ22 CH4 B . -1.57 -4.55 10.48
N DPN A 1 -0.81 -2.89 3.39
CA DPN A 1 -1.83 -1.84 3.41
C DPN A 1 -2.38 -1.51 2.03
O DPN A 1 -3.52 -1.07 1.89
CB DPN A 1 -2.98 -2.21 4.33
CG DPN A 1 -2.65 -3.15 5.44
CD1 DPN A 1 -2.21 -2.69 6.68
CD2 DPN A 1 -2.78 -4.53 5.21
CE1 DPN A 1 -1.94 -3.59 7.72
CE2 DPN A 1 -2.52 -5.44 6.23
CZ DPN A 1 -2.11 -4.98 7.50
H DPN A 1 -0.03 -2.78 4.03
HA DPN A 1 -1.35 -0.94 3.81
HB2 DPN A 1 -3.38 -1.28 4.72
HB3 DPN A 1 -3.73 -2.69 3.72
HD1 DPN A 1 -2.07 -1.62 6.82
HD2 DPN A 1 -3.02 -4.84 4.19
HE1 DPN A 1 -1.61 -3.23 8.68
HE2 DPN A 1 -2.60 -6.50 6.05
HZ DPN A 1 -1.91 -5.68 8.30
N CYS A 2 -1.54 -1.68 1.02
CA CYS A 2 -1.78 -1.33 -0.36
C CYS A 2 -2.45 0.05 -0.54
N TYR A 3 -2.27 0.93 0.44
CA TYR A 3 -3.00 2.16 0.63
C TYR A 3 -2.19 3.27 -0.01
N DTR A 4 -2.09 3.13 -1.33
CA DTR A 4 -1.42 4.03 -2.23
CB DTR A 4 -2.46 4.72 -3.14
CG DTR A 4 -3.53 3.86 -3.74
CD1 DTR A 4 -4.46 3.14 -3.07
NE1 DTR A 4 -5.36 2.57 -3.94
CE2 DTR A 4 -5.09 2.92 -5.24
CZ2 DTR A 4 -5.72 2.66 -6.46
CH2 DTR A 4 -5.18 3.20 -7.64
CZ3 DTR A 4 -3.99 3.93 -7.59
CE3 DTR A 4 -3.35 4.18 -6.36
CD2 DTR A 4 -3.90 3.71 -5.15
C DTR A 4 -0.36 3.28 -3.01
O DTR A 4 0.72 3.82 -3.24
H DTR A 4 -2.64 2.37 -1.72
HA DTR A 4 -0.90 4.80 -1.66
HB2 DTR A 4 -2.96 5.49 -2.54
HB3 DTR A 4 -1.93 5.24 -3.93
HD1 DTR A 4 -4.52 3.05 -2.00
HE1 DTR A 4 -6.14 2.02 -3.62
HZ2 DTR A 4 -6.65 2.10 -6.48
HH2 DTR A 4 -5.69 3.04 -8.59
HZ3 DTR A 4 -3.53 4.31 -8.49
HE3 DTR A 4 -2.46 4.78 -6.33
N LYS A 5 -0.61 2.01 -3.34
CA LYS A 5 0.39 1.09 -3.86
C LYS A 5 1.60 0.91 -2.94
N THR A 6 1.46 1.27 -1.67
CA THR A 6 2.49 1.06 -0.66
C THR A 6 2.76 -0.43 -0.44
N CYS A 7 1.68 -1.20 -0.29
CA CYS A 7 1.65 -2.63 0.01
C CYS A 7 2.74 -2.99 1.00
N THR A 8 2.51 -2.51 2.23
CA THR A 8 3.53 -2.49 3.27
C THR A 8 3.85 -3.87 3.84
CA CH4 B . 0.25 -5.06 3.01
CB1 CH4 B . 0.32 -5.57 4.46
NG1 CH4 B . 0.43 -4.47 5.44
CD1 CH4 B . 1.62 -4.58 6.30
CE1 CH4 B . 1.33 -5.43 7.54
NZ1 CH4 B . 2.52 -5.45 8.40
CB2 CH4 B . 0.13 -6.29 2.10
NG2 CH4 B . 0.16 -5.93 0.67
CD2 CH4 B . -0.35 -6.98 -0.23
CE2 CH4 B . 0.57 -8.18 -0.36
NZ2 CH4 B . 0.53 -9.01 0.85
C CH4 B . -0.89 -4.06 2.76
O CH4 B . -1.81 -4.33 1.99
HA CH4 B . 1.19 -4.55 2.78
HB12 CH4 B . -0.58 -6.16 4.67
HB13 CH4 B . 1.20 -6.21 4.55
HG1 CH4 B . -0.42 -4.40 5.99
HD12 CH4 B . 1.91 -3.59 6.65
HD13 CH4 B . 2.44 -5.01 5.73
HE12 CH4 B . 1.08 -6.44 7.23
HE13 CH4 B . 0.50 -4.99 8.08
HZ11 CH4 B . 2.35 -5.97 9.24
HZ12 CH4 B . 3.31 -5.84 7.89
HB22 CH4 B . 0.96 -6.95 2.34
HB23 CH4 B . -0.82 -6.80 2.31
HG2 CH4 B . -0.45 -5.14 0.56
HD22 CH4 B . -1.34 -7.30 0.11
HD23 CH4 B . -0.47 -6.53 -1.22
HE22 CH4 B . 1.59 -7.84 -0.54
HE23 CH4 B . 0.25 -8.79 -1.20
HZ21 CH4 B . 1.10 -9.83 0.73
HZ22 CH4 B . 0.89 -8.48 1.62
#